data_3HY0
#
_entry.id   3HY0
#
_cell.length_a   114.877
_cell.length_b   115.036
_cell.length_c   125.574
_cell.angle_alpha   90.00
_cell.angle_beta   90.00
_cell.angle_gamma   90.00
#
_symmetry.space_group_name_H-M   'P 21 21 21'
#
loop_
_entity.id
_entity.type
_entity.pdbx_description
1 polymer 'Alanyl-tRNA synthetase'
2 non-polymer "5'-O-(glycylsulfamoyl)adenosine"
3 non-polymer '4-(2-HYDROXYETHYL)-1-PIPERAZINE ETHANESULFONIC ACID'
4 non-polymer '2-HYDROXYETHYL DISULFIDE'
5 water water
#
_entity_poly.entity_id   1
_entity_poly.type   'polypeptide(L)'
_entity_poly.pdbx_seq_one_letter_code
;SKSTAEIRQAFLDFFHSKGHQVVASSSLVPHNDPTLLFTNAGMNQFKDVFLGLDKRNYSRATTSQRCVRAGGKHNDLENV
GYTARHHTFFEMLGNFSFGDYFKLDAILFAWLLLTSEKWFALPKERLWVTVYESDDEAYEIWEKEVGIPRERIIRIGDNK
GAPYASDNFWQMGDTGPCGPCTEIFYDHGDHIWGGPPGSPEEDGDRYIEIWNIVFMQFNRQADGTMEPLPKPSVDTAMGL
ERIAAVLQHVNSNYDIDLFRTLIQAVAKVTGATDLSNKSLRVIADHIRSCAFLIADGVMPSNENRGYVLRRIIRRAVRHG
NMLGAKETFFYKLVGPLIDVMGSAGEDLKRQQAQVEQVLKTEEEQFARTLERGLALLDEELAKLSGDTLDGETAFRLYDT
YGFPVDLTADVCRERNIKVDEAGFEAAMEEQRRRAREASGF
;
_entity_poly.pdbx_strand_id   A,B
#
loop_
_chem_comp.id
_chem_comp.type
_chem_comp.name
_chem_comp.formula
EPE non-polymer '4-(2-HYDROXYETHYL)-1-PIPERAZINE ETHANESULFONIC ACID' 'C8 H18 N2 O4 S'
G5A non-polymer 5'-O-(glycylsulfamoyl)adenosine 'C12 H17 N7 O7 S'
HED non-polymer '2-HYDROXYETHYL DISULFIDE' 'C4 H10 O2 S2'
#
# COMPACT_ATOMS: atom_id res chain seq x y z
N SER A 1 -21.22 22.07 40.88
CA SER A 1 -20.82 22.29 39.47
C SER A 1 -21.44 21.25 38.53
N LYS A 2 -21.38 21.52 37.23
CA LYS A 2 -21.91 20.59 36.24
C LYS A 2 -21.03 19.35 36.11
N SER A 3 -21.66 18.21 35.91
CA SER A 3 -20.93 16.98 35.65
C SER A 3 -20.40 17.01 34.22
N THR A 4 -19.46 16.12 33.92
CA THR A 4 -18.93 16.02 32.56
C THR A 4 -20.07 15.75 31.58
N ALA A 5 -20.99 14.88 31.96
CA ALA A 5 -22.15 14.57 31.12
C ALA A 5 -23.02 15.81 30.86
N GLU A 6 -23.23 16.61 31.90
CA GLU A 6 -24.05 17.83 31.78
C GLU A 6 -23.37 18.87 30.89
N ILE A 7 -22.05 18.95 30.98
CA ILE A 7 -21.28 19.88 30.16
C ILE A 7 -21.32 19.47 28.68
N ARG A 8 -21.14 18.18 28.43
CA ARG A 8 -21.27 17.63 27.08
C ARG A 8 -22.63 17.99 26.48
N GLN A 9 -23.68 17.77 27.26
CA GLN A 9 -25.04 18.04 26.79
C GLN A 9 -25.31 19.53 26.59
N ALA A 10 -24.77 20.35 27.49
CA ALA A 10 -25.00 21.80 27.43
C ALA A 10 -24.36 22.40 26.18
N PHE A 11 -23.18 21.89 25.82
CA PHE A 11 -22.50 22.34 24.62
C PHE A 11 -23.37 22.07 23.39
N LEU A 12 -23.86 20.84 23.28
CA LEU A 12 -24.72 20.44 22.17
C LEU A 12 -26.03 21.21 22.17
N ASP A 13 -26.62 21.39 23.36
CA ASP A 13 -27.84 22.19 23.49
C ASP A 13 -27.64 23.62 23.00
N PHE A 14 -26.53 24.24 23.36
CA PHE A 14 -26.22 25.59 22.92
C PHE A 14 -26.23 25.70 21.40
N PHE A 15 -25.46 24.84 20.75
CA PHE A 15 -25.37 24.91 19.29
C PHE A 15 -26.63 24.46 18.60
N HIS A 16 -27.33 23.51 19.20
CA HIS A 16 -28.63 23.13 18.68
C HIS A 16 -29.59 24.31 18.71
N SER A 17 -29.59 25.06 19.82
CA SER A 17 -30.43 26.25 19.93
C SER A 17 -30.03 27.33 18.93
N LYS A 18 -28.80 27.23 18.41
CA LYS A 18 -28.31 28.15 17.39
C LYS A 18 -28.42 27.56 15.98
N GLY A 19 -29.32 26.60 15.82
CA GLY A 19 -29.63 26.06 14.49
C GLY A 19 -28.70 24.98 13.96
N HIS A 20 -27.82 24.46 14.82
CA HIS A 20 -26.88 23.42 14.39
C HIS A 20 -27.50 22.02 14.50
N GLN A 21 -27.34 21.24 13.44
CA GLN A 21 -27.77 19.84 13.45
C GLN A 21 -26.88 19.04 14.40
N VAL A 22 -27.49 18.36 15.36
CA VAL A 22 -26.74 17.49 16.25
C VAL A 22 -26.44 16.18 15.53
N VAL A 23 -25.16 15.88 15.35
CA VAL A 23 -24.75 14.67 14.66
C VAL A 23 -24.01 13.75 15.65
N ALA A 24 -24.29 12.45 15.57
CA ALA A 24 -23.64 11.50 16.47
C ALA A 24 -22.14 11.40 16.18
N SER A 25 -21.37 11.18 17.24
CA SER A 25 -19.95 10.87 17.12
C SER A 25 -19.75 9.76 16.11
N SER A 26 -18.73 9.90 15.28
CA SER A 26 -18.34 8.81 14.40
C SER A 26 -17.56 7.77 15.21
N SER A 27 -17.32 6.62 14.59
CA SER A 27 -16.44 5.60 15.15
C SER A 27 -15.01 6.15 15.21
N LEU A 28 -14.17 5.50 16.01
CA LEU A 28 -12.74 5.78 16.03
C LEU A 28 -12.02 5.22 14.80
N VAL A 29 -12.71 4.36 14.05
CA VAL A 29 -12.11 3.71 12.90
C VAL A 29 -12.87 4.03 11.62
N PRO A 30 -12.23 4.76 10.69
CA PRO A 30 -12.86 5.08 9.43
C PRO A 30 -12.92 3.88 8.49
N HIS A 31 -13.98 3.80 7.70
CA HIS A 31 -14.11 2.76 6.70
C HIS A 31 -13.62 3.27 5.35
N ASN A 32 -13.69 4.58 5.14
CA ASN A 32 -13.42 5.19 3.84
C ASN A 32 -12.38 6.32 3.84
N ASP A 33 -11.38 6.23 4.70
CA ASP A 33 -10.27 7.19 4.68
C ASP A 33 -8.94 6.49 4.94
N PRO A 34 -8.25 6.09 3.86
CA PRO A 34 -6.99 5.35 3.96
C PRO A 34 -5.84 6.17 4.53
N THR A 35 -6.02 7.49 4.62
CA THR A 35 -4.98 8.37 5.16
C THR A 35 -5.06 8.48 6.70
N LEU A 36 -6.10 7.91 7.29
CA LEU A 36 -6.41 8.13 8.69
C LEU A 36 -6.31 6.87 9.55
N LEU A 37 -5.41 6.88 10.53
CA LEU A 37 -5.24 5.74 11.44
C LEU A 37 -6.44 5.61 12.37
N PHE A 38 -6.58 6.55 13.30
CA PHE A 38 -7.76 6.64 14.14
C PHE A 38 -8.33 8.05 14.08
N THR A 39 -9.64 8.16 14.30
CA THR A 39 -10.31 9.46 14.35
C THR A 39 -9.58 10.35 15.36
N ASN A 40 -9.08 11.48 14.89
CA ASN A 40 -8.30 12.39 15.75
C ASN A 40 -8.95 13.76 15.94
N ALA A 41 -10.10 13.97 15.30
CA ALA A 41 -10.81 15.24 15.41
C ALA A 41 -12.28 15.10 15.06
N GLY A 42 -13.11 15.95 15.64
CA GLY A 42 -14.52 16.03 15.28
C GLY A 42 -14.77 16.23 13.79
N MET A 43 -13.88 16.95 13.13
CA MET A 43 -14.06 17.24 11.71
C MET A 43 -13.83 16.06 10.77
N ASN A 44 -13.23 14.97 11.26
CA ASN A 44 -12.88 13.84 10.39
C ASN A 44 -14.06 13.33 9.55
N GLN A 45 -15.21 13.14 10.20
CA GLN A 45 -16.37 12.57 9.49
C GLN A 45 -17.03 13.56 8.53
N PHE A 46 -16.58 14.81 8.57
CA PHE A 46 -17.08 15.85 7.67
C PHE A 46 -16.02 16.27 6.65
N LYS A 47 -14.94 15.49 6.58
CA LYS A 47 -13.82 15.81 5.69
C LYS A 47 -14.29 16.09 4.26
N ASP A 48 -15.08 15.18 3.71
CA ASP A 48 -15.58 15.32 2.34
C ASP A 48 -16.56 16.48 2.18
N VAL A 49 -17.24 16.86 3.26
CA VAL A 49 -18.12 18.03 3.23
C VAL A 49 -17.28 19.30 3.05
N PHE A 50 -16.20 19.42 3.81
CA PHE A 50 -15.27 20.54 3.67
C PHE A 50 -14.63 20.58 2.28
N LEU A 51 -14.37 19.41 1.72
CA LEU A 51 -13.79 19.30 0.37
C LEU A 51 -14.81 19.61 -0.71
N GLY A 52 -16.08 19.64 -0.33
CA GLY A 52 -17.17 19.92 -1.27
C GLY A 52 -17.57 18.73 -2.11
N LEU A 53 -17.23 17.53 -1.65
CA LEU A 53 -17.53 16.30 -2.38
C LEU A 53 -18.78 15.61 -1.82
N ASP A 54 -19.14 15.98 -0.60
CA ASP A 54 -20.24 15.37 0.13
C ASP A 54 -21.21 16.48 0.52
N LYS A 55 -22.48 16.34 0.16
CA LYS A 55 -23.49 17.32 0.56
C LYS A 55 -24.41 16.78 1.63
N ARG A 56 -24.66 17.63 2.64
CA ARG A 56 -25.58 17.28 3.71
C ARG A 56 -26.81 18.17 3.58
N ASN A 57 -27.91 17.77 4.19
CA ASN A 57 -29.13 18.57 4.18
C ASN A 57 -29.03 19.75 5.15
N TYR A 58 -27.96 19.79 5.92
CA TYR A 58 -27.71 20.88 6.87
C TYR A 58 -26.40 21.56 6.52
N SER A 59 -26.29 22.85 6.83
CA SER A 59 -25.08 23.61 6.52
C SER A 59 -24.30 23.96 7.80
N ARG A 60 -24.82 23.53 8.94
CA ARG A 60 -24.16 23.72 10.23
C ARG A 60 -24.46 22.55 11.16
N ALA A 61 -23.46 22.14 11.93
CA ALA A 61 -23.61 20.95 12.76
C ALA A 61 -22.79 21.03 14.04
N THR A 62 -23.10 20.15 14.98
CA THR A 62 -22.41 20.09 16.27
C THR A 62 -22.31 18.63 16.73
N THR A 63 -21.16 18.26 17.29
CA THR A 63 -20.93 16.89 17.75
C THR A 63 -20.05 16.85 18.99
N SER A 64 -20.15 15.77 19.74
CA SER A 64 -19.14 15.43 20.75
C SER A 64 -18.45 14.16 20.27
N GLN A 65 -17.25 14.34 19.74
CA GLN A 65 -16.57 13.26 19.01
C GLN A 65 -15.55 12.54 19.86
N ARG A 66 -15.63 11.22 19.93
CA ARG A 66 -14.57 10.47 20.58
C ARG A 66 -13.33 10.43 19.68
N CYS A 67 -12.18 10.77 20.25
CA CYS A 67 -10.93 10.82 19.50
C CYS A 67 -9.85 10.00 20.18
N VAL A 68 -8.94 9.46 19.38
CA VAL A 68 -7.72 8.86 19.89
C VAL A 68 -6.52 9.48 19.16
N ARG A 69 -5.61 10.06 19.94
CA ARG A 69 -4.39 10.62 19.37
C ARG A 69 -3.18 9.83 19.88
N ALA A 70 -2.90 8.72 19.19
CA ALA A 70 -1.86 7.79 19.62
C ALA A 70 -1.04 7.31 18.43
N GLY A 71 -1.08 8.08 17.35
CA GLY A 71 -0.38 7.74 16.12
C GLY A 71 -0.80 8.68 15.01
N GLY A 72 -0.11 8.59 13.88
CA GLY A 72 -0.42 9.46 12.76
C GLY A 72 0.04 10.89 12.99
N LYS A 73 -0.77 11.83 12.53
CA LYS A 73 -0.43 13.25 12.54
C LYS A 73 -0.40 13.84 13.95
N HIS A 74 -1.37 13.44 14.77
CA HIS A 74 -1.52 13.95 16.13
C HIS A 74 -1.40 12.80 17.11
N ASN A 75 -0.30 12.77 17.85
CA ASN A 75 0.04 11.65 18.71
C ASN A 75 0.53 12.12 20.07
N ASP A 76 -0.30 11.91 21.10
CA ASP A 76 0.01 12.39 22.43
C ASP A 76 0.30 11.28 23.44
N LEU A 77 0.51 10.06 22.94
CA LEU A 77 0.76 8.91 23.79
C LEU A 77 1.86 9.17 24.83
N GLU A 78 2.97 9.75 24.40
CA GLU A 78 4.12 9.94 25.29
C GLU A 78 3.94 11.11 26.28
N ASN A 79 2.88 11.89 26.09
CA ASN A 79 2.53 12.97 27.02
C ASN A 79 1.70 12.48 28.22
N VAL A 80 1.05 11.33 28.04
CA VAL A 80 0.12 10.82 29.04
C VAL A 80 0.83 10.51 30.36
N GLY A 81 0.32 11.06 31.45
CA GLY A 81 0.92 10.89 32.77
C GLY A 81 1.98 11.92 33.09
N TYR A 82 2.39 12.69 32.09
CA TYR A 82 3.42 13.71 32.26
C TYR A 82 2.85 15.13 32.25
N THR A 83 1.63 15.27 31.75
CA THR A 83 0.92 16.56 31.84
C THR A 83 -0.48 16.33 32.39
N ALA A 84 -1.12 17.42 32.81
CA ALA A 84 -2.47 17.35 33.34
C ALA A 84 -3.52 17.50 32.24
N ARG A 85 -3.06 17.63 30.99
CA ARG A 85 -3.98 18.00 29.91
C ARG A 85 -4.02 17.05 28.71
N HIS A 86 -3.12 16.07 28.67
CA HIS A 86 -3.02 15.18 27.50
C HIS A 86 -3.58 13.78 27.76
N HIS A 87 -4.41 13.31 26.84
CA HIS A 87 -4.91 11.93 26.85
C HIS A 87 -4.62 11.24 25.52
N THR A 88 -4.75 9.91 25.51
CA THR A 88 -4.85 9.20 24.24
C THR A 88 -6.27 9.31 23.73
N PHE A 89 -7.23 8.89 24.55
CA PHE A 89 -8.65 8.99 24.23
C PHE A 89 -9.24 10.24 24.89
N PHE A 90 -9.98 11.03 24.12
CA PHE A 90 -10.69 12.17 24.66
C PHE A 90 -11.87 12.55 23.78
N GLU A 91 -12.77 13.37 24.33
CA GLU A 91 -13.90 13.85 23.56
C GLU A 91 -13.67 15.29 23.13
N MET A 92 -13.98 15.55 21.87
CA MET A 92 -13.78 16.85 21.28
C MET A 92 -15.15 17.44 20.94
N LEU A 93 -15.48 18.56 21.59
CA LEU A 93 -16.75 19.25 21.38
C LEU A 93 -16.59 20.20 20.21
N GLY A 94 -17.47 20.09 19.22
CA GLY A 94 -17.29 20.88 18.01
C GLY A 94 -18.55 21.48 17.42
N ASN A 95 -18.40 22.66 16.82
CA ASN A 95 -19.42 23.17 15.91
C ASN A 95 -18.80 23.41 14.54
N PHE A 96 -19.60 23.21 13.50
CA PHE A 96 -19.09 23.22 12.13
C PHE A 96 -19.98 24.06 11.23
N SER A 97 -19.32 24.85 10.38
CA SER A 97 -20.02 25.64 9.38
C SER A 97 -19.58 25.20 7.99
N PHE A 98 -20.52 24.66 7.22
CA PHE A 98 -20.22 24.19 5.87
C PHE A 98 -20.67 25.24 4.86
N GLY A 99 -19.84 26.25 4.68
CA GLY A 99 -20.17 27.37 3.80
C GLY A 99 -21.39 28.12 4.31
N ASP A 100 -21.52 28.22 5.63
CA ASP A 100 -22.64 28.88 6.26
C ASP A 100 -22.14 30.23 6.80
N TYR A 101 -21.84 30.31 8.09
CA TYR A 101 -21.17 31.50 8.64
C TYR A 101 -19.65 31.34 8.66
N PHE A 102 -18.93 32.43 8.98
CA PHE A 102 -17.46 32.40 8.95
C PHE A 102 -16.81 33.00 10.22
N LYS A 103 -15.75 33.79 10.06
CA LYS A 103 -14.89 34.16 11.19
C LYS A 103 -15.60 34.85 12.35
N LEU A 104 -16.29 35.95 12.07
CA LEU A 104 -16.89 36.73 13.15
C LEU A 104 -17.88 35.89 13.96
N ASP A 105 -18.84 35.26 13.29
CA ASP A 105 -19.86 34.51 14.01
C ASP A 105 -19.31 33.27 14.72
N ALA A 106 -18.27 32.65 14.18
CA ALA A 106 -17.63 31.53 14.86
C ALA A 106 -17.05 31.98 16.20
N ILE A 107 -16.33 33.11 16.17
CA ILE A 107 -15.73 33.66 17.38
C ILE A 107 -16.81 34.09 18.38
N LEU A 108 -17.86 34.73 17.89
CA LEU A 108 -18.95 35.18 18.76
C LEU A 108 -19.67 34.02 19.45
N PHE A 109 -20.00 32.97 18.71
CA PHE A 109 -20.63 31.78 19.31
C PHE A 109 -19.78 31.24 20.46
N ALA A 110 -18.48 31.10 20.22
CA ALA A 110 -17.57 30.54 21.21
C ALA A 110 -17.49 31.43 22.46
N TRP A 111 -17.28 32.73 22.24
CA TRP A 111 -17.19 33.68 23.34
C TRP A 111 -18.49 33.70 24.15
N LEU A 112 -19.62 33.65 23.47
CA LEU A 112 -20.92 33.67 24.13
C LEU A 112 -21.11 32.45 25.03
N LEU A 113 -20.84 31.26 24.49
CA LEU A 113 -20.98 30.04 25.29
C LEU A 113 -20.05 30.05 26.50
N LEU A 114 -18.80 30.48 26.28
CA LEU A 114 -17.81 30.46 27.36
C LEU A 114 -18.09 31.48 28.46
N THR A 115 -18.49 32.69 28.07
CA THR A 115 -18.49 33.81 29.02
C THR A 115 -19.84 34.40 29.41
N SER A 116 -20.90 34.05 28.70
CA SER A 116 -22.22 34.60 29.01
C SER A 116 -22.72 34.13 30.39
N GLU A 117 -23.32 35.05 31.13
CA GLU A 117 -23.94 34.72 32.43
C GLU A 117 -25.01 33.67 32.25
N LYS A 118 -25.56 33.59 31.04
CA LYS A 118 -26.59 32.60 30.69
C LYS A 118 -26.02 31.21 30.47
N TRP A 119 -24.72 31.13 30.20
CA TRP A 119 -24.11 29.86 29.84
C TRP A 119 -22.97 29.46 30.78
N PHE A 120 -21.76 29.28 30.25
CA PHE A 120 -20.65 28.81 31.08
C PHE A 120 -20.14 29.86 32.07
N ALA A 121 -20.33 31.13 31.74
CA ALA A 121 -20.05 32.22 32.67
C ALA A 121 -18.62 32.21 33.19
N LEU A 122 -17.66 31.86 32.34
CA LEU A 122 -16.24 31.89 32.73
C LEU A 122 -15.78 33.33 32.94
N PRO A 123 -14.89 33.55 33.91
CA PRO A 123 -14.34 34.91 34.08
C PRO A 123 -13.54 35.37 32.86
N LYS A 124 -14.00 36.44 32.20
CA LYS A 124 -13.39 36.91 30.96
C LYS A 124 -11.92 37.26 31.12
N GLU A 125 -11.54 37.73 32.30
CA GLU A 125 -10.17 38.19 32.55
C GLU A 125 -9.13 37.06 32.55
N ARG A 126 -9.60 35.82 32.68
CA ARG A 126 -8.69 34.66 32.69
C ARG A 126 -8.54 34.02 31.31
N LEU A 127 -9.26 34.57 30.33
CA LEU A 127 -9.21 34.04 28.97
C LEU A 127 -8.24 34.81 28.07
N TRP A 128 -7.39 34.05 27.40
CA TRP A 128 -6.42 34.57 26.45
C TRP A 128 -6.72 33.98 25.09
N VAL A 129 -6.34 34.67 24.02
CA VAL A 129 -6.55 34.14 22.67
C VAL A 129 -5.27 34.24 21.83
N THR A 130 -5.11 33.29 20.91
CA THR A 130 -4.02 33.35 19.94
C THR A 130 -4.61 33.42 18.54
N VAL A 131 -3.91 34.11 17.65
CA VAL A 131 -4.29 34.15 16.25
C VAL A 131 -3.06 33.86 15.40
N TYR A 132 -3.29 33.37 14.18
CA TYR A 132 -2.22 33.20 13.22
C TYR A 132 -1.68 34.59 12.89
N GLU A 133 -0.37 34.73 12.85
CA GLU A 133 0.27 36.04 12.74
C GLU A 133 -0.29 36.88 11.59
N SER A 134 -0.53 36.24 10.44
CA SER A 134 -1.04 36.93 9.26
C SER A 134 -2.55 37.14 9.27
N ASP A 135 -3.24 36.59 10.27
CA ASP A 135 -4.69 36.69 10.34
C ASP A 135 -5.11 37.99 11.02
N ASP A 136 -4.98 39.10 10.29
CA ASP A 136 -5.35 40.41 10.82
C ASP A 136 -6.84 40.50 11.12
N GLU A 137 -7.64 39.78 10.35
CA GLU A 137 -9.10 39.77 10.54
C GLU A 137 -9.47 39.20 11.91
N ALA A 138 -8.90 38.04 12.25
CA ALA A 138 -9.15 37.43 13.55
C ALA A 138 -8.69 38.33 14.69
N TYR A 139 -7.53 38.98 14.52
CA TYR A 139 -7.03 39.90 15.53
C TYR A 139 -8.04 41.03 15.78
N GLU A 140 -8.51 41.66 14.70
CA GLU A 140 -9.50 42.74 14.79
C GLU A 140 -10.78 42.30 15.47
N ILE A 141 -11.26 41.11 15.11
CA ILE A 141 -12.47 40.57 15.72
C ILE A 141 -12.34 40.46 17.25
N TRP A 142 -11.25 39.85 17.70
CA TRP A 142 -11.04 39.72 19.15
C TRP A 142 -10.87 41.08 19.81
N GLU A 143 -10.08 41.95 19.20
CA GLU A 143 -9.80 43.26 19.78
C GLU A 143 -11.02 44.18 19.80
N LYS A 144 -11.68 44.31 18.66
CA LYS A 144 -12.73 45.32 18.50
C LYS A 144 -14.17 44.79 18.60
N GLU A 145 -14.43 43.59 18.10
CA GLU A 145 -15.78 43.04 18.15
C GLU A 145 -16.08 42.43 19.51
N VAL A 146 -15.14 41.63 20.02
CA VAL A 146 -15.30 40.99 21.31
C VAL A 146 -14.86 41.91 22.45
N GLY A 147 -13.70 42.54 22.28
CA GLY A 147 -13.18 43.45 23.30
C GLY A 147 -12.15 42.85 24.24
N ILE A 148 -11.39 41.87 23.75
CA ILE A 148 -10.27 41.34 24.52
C ILE A 148 -9.16 42.39 24.57
N PRO A 149 -8.67 42.71 25.78
CA PRO A 149 -7.53 43.62 25.88
C PRO A 149 -6.37 43.11 25.03
N ARG A 150 -5.71 44.01 24.31
CA ARG A 150 -4.66 43.64 23.37
C ARG A 150 -3.54 42.81 24.02
N GLU A 151 -3.31 43.02 25.31
CA GLU A 151 -2.24 42.30 26.00
C GLU A 151 -2.52 40.81 26.16
N ARG A 152 -3.77 40.40 25.89
CA ARG A 152 -4.13 38.98 25.96
C ARG A 152 -4.46 38.42 24.58
N ILE A 153 -4.09 39.16 23.53
CA ILE A 153 -4.18 38.68 22.15
C ILE A 153 -2.78 38.43 21.62
N ILE A 154 -2.48 37.16 21.33
CA ILE A 154 -1.13 36.78 20.96
CA ILE A 154 -1.12 36.76 20.96
C ILE A 154 -1.08 36.29 19.51
N ARG A 155 -0.20 36.88 18.72
CA ARG A 155 -0.01 36.46 17.33
C ARG A 155 1.06 35.37 17.28
N ILE A 156 0.73 34.25 16.66
CA ILE A 156 1.66 33.12 16.53
C ILE A 156 1.94 32.85 15.06
N GLY A 157 3.21 32.81 14.69
CA GLY A 157 3.61 32.56 13.31
C GLY A 157 3.88 31.08 13.08
N ASP A 158 4.71 30.76 12.10
CA ASP A 158 5.08 29.38 11.85
C ASP A 158 6.14 28.92 12.85
N ASN A 159 5.70 28.72 14.09
CA ASN A 159 6.60 28.45 15.22
C ASN A 159 7.12 27.02 15.28
N LYS A 160 6.66 26.17 14.36
CA LYS A 160 7.12 24.79 14.32
C LYS A 160 8.18 24.58 13.24
N GLY A 161 8.71 25.67 12.72
CA GLY A 161 9.94 25.65 11.92
C GLY A 161 9.82 25.38 10.44
N ALA A 162 8.60 25.47 9.91
CA ALA A 162 8.38 25.26 8.48
C ALA A 162 7.13 26.01 8.04
N PRO A 163 7.01 26.32 6.73
CA PRO A 163 5.83 27.00 6.22
C PRO A 163 4.54 26.26 6.59
N TYR A 164 3.62 26.97 7.25
CA TYR A 164 2.34 26.40 7.69
C TYR A 164 2.46 25.46 8.89
N ALA A 165 3.68 25.27 9.38
CA ALA A 165 3.88 24.48 10.59
C ALA A 165 3.76 25.41 11.79
N SER A 166 2.60 25.38 12.43
CA SER A 166 2.25 26.38 13.44
C SER A 166 1.15 25.89 14.36
N ASP A 167 1.18 26.37 15.61
CA ASP A 167 0.10 26.10 16.55
C ASP A 167 -1.17 26.82 16.11
N ASN A 168 -1.04 27.76 15.19
CA ASN A 168 -2.20 28.50 14.69
C ASN A 168 -2.51 28.25 13.21
N PHE A 169 -2.06 27.12 12.70
CA PHE A 169 -2.50 26.60 11.42
C PHE A 169 -2.79 25.12 11.61
N TRP A 170 -4.06 24.73 11.53
CA TRP A 170 -4.43 23.36 11.86
C TRP A 170 -4.57 22.47 10.63
N GLN A 171 -3.94 21.31 10.68
CA GLN A 171 -3.98 20.34 9.58
C GLN A 171 -4.55 19.03 10.10
N MET A 172 -5.46 18.44 9.34
CA MET A 172 -5.99 17.12 9.68
C MET A 172 -4.88 16.07 9.59
N GLY A 173 -4.06 16.17 8.56
CA GLY A 173 -2.95 15.26 8.35
C GLY A 173 -2.01 15.83 7.30
N ASP A 174 -1.13 14.99 6.78
CA ASP A 174 -0.22 15.42 5.72
C ASP A 174 -1.01 15.86 4.49
N THR A 175 -2.20 15.30 4.33
CA THR A 175 -3.15 15.75 3.32
C THR A 175 -4.49 16.02 3.99
N GLY A 176 -5.36 16.75 3.30
CA GLY A 176 -6.70 17.02 3.81
C GLY A 176 -6.96 18.46 4.16
N PRO A 177 -8.22 18.78 4.54
CA PRO A 177 -8.62 20.13 4.89
C PRO A 177 -7.76 20.72 6.01
N CYS A 178 -7.44 22.00 5.87
CA CYS A 178 -6.62 22.71 6.84
C CYS A 178 -6.85 24.21 6.73
N GLY A 179 -6.32 24.98 7.67
CA GLY A 179 -6.42 26.43 7.60
C GLY A 179 -5.91 27.12 8.86
N PRO A 180 -5.79 28.46 8.78
CA PRO A 180 -5.41 29.24 9.95
C PRO A 180 -6.46 29.07 11.03
N CYS A 181 -6.05 29.16 12.29
CA CYS A 181 -6.97 28.97 13.39
C CYS A 181 -6.69 29.93 14.52
N THR A 182 -7.68 30.11 15.38
CA THR A 182 -7.55 30.95 16.56
C THR A 182 -7.93 30.12 17.77
N GLU A 183 -7.16 30.26 18.85
CA GLU A 183 -7.36 29.40 20.01
C GLU A 183 -7.65 30.20 21.28
N ILE A 184 -8.49 29.61 22.13
CA ILE A 184 -8.84 30.22 23.40
C ILE A 184 -8.19 29.44 24.55
N PHE A 185 -7.45 30.16 25.39
CA PHE A 185 -6.76 29.61 26.55
C PHE A 185 -7.36 30.09 27.86
N TYR A 186 -7.30 29.25 28.88
CA TYR A 186 -7.76 29.63 30.22
C TYR A 186 -6.61 29.59 31.22
N ASP A 187 -6.42 30.69 31.95
CA ASP A 187 -5.39 30.77 32.97
C ASP A 187 -5.86 30.13 34.27
N HIS A 188 -5.27 28.98 34.62
CA HIS A 188 -5.63 28.29 35.86
C HIS A 188 -5.06 28.94 37.13
N GLY A 189 -4.12 29.86 36.97
CA GLY A 189 -3.62 30.62 38.10
C GLY A 189 -2.19 30.31 38.53
N ASP A 190 -1.66 31.14 39.42
CA ASP A 190 -0.24 31.08 39.80
C ASP A 190 0.16 29.92 40.70
N HIS A 191 -0.79 29.06 41.05
CA HIS A 191 -0.46 27.85 41.80
CA HIS A 191 -0.51 27.83 41.79
C HIS A 191 0.04 26.76 40.86
N ILE A 192 -0.09 27.01 39.56
CA ILE A 192 0.38 26.08 38.52
C ILE A 192 1.54 26.71 37.77
N TRP A 193 2.57 25.93 37.48
CA TRP A 193 3.72 26.41 36.73
C TRP A 193 3.37 26.60 35.26
N GLY A 194 3.90 27.66 34.66
CA GLY A 194 3.73 27.89 33.23
C GLY A 194 3.50 29.34 32.85
N GLY A 195 3.77 29.66 31.59
CA GLY A 195 3.53 31.00 31.05
C GLY A 195 2.50 30.93 29.95
N PRO A 196 2.04 32.11 29.47
CA PRO A 196 1.03 32.18 28.41
C PRO A 196 1.58 31.69 27.08
N PRO A 197 0.69 31.42 26.11
CA PRO A 197 1.15 30.98 24.79
C PRO A 197 2.10 32.01 24.17
N GLY A 198 3.09 31.54 23.44
CA GLY A 198 4.11 32.42 22.85
C GLY A 198 5.28 32.65 23.77
N SER A 199 5.10 32.37 25.06
CA SER A 199 6.14 32.59 26.06
C SER A 199 7.03 31.35 26.21
N PRO A 200 8.22 31.52 26.81
CA PRO A 200 9.14 30.41 27.05
C PRO A 200 8.53 29.29 27.90
N GLU A 201 7.62 29.65 28.80
CA GLU A 201 6.99 28.65 29.67
C GLU A 201 5.60 28.23 29.17
N GLU A 202 5.34 28.44 27.89
CA GLU A 202 4.02 28.18 27.29
C GLU A 202 3.57 26.73 27.45
N ASP A 203 4.54 25.81 27.51
CA ASP A 203 4.25 24.38 27.56
C ASP A 203 3.74 23.91 28.92
N GLY A 204 3.73 24.81 29.90
CA GLY A 204 3.21 24.49 31.23
C GLY A 204 1.71 24.25 31.22
N ASP A 205 1.20 23.69 32.31
CA ASP A 205 -0.23 23.39 32.44
C ASP A 205 -1.03 24.56 33.03
N ARG A 206 -0.40 25.72 33.19
CA ARG A 206 -1.11 26.86 33.76
C ARG A 206 -2.13 27.46 32.78
N TYR A 207 -1.64 27.86 31.61
CA TYR A 207 -2.50 28.43 30.57
C TYR A 207 -2.91 27.32 29.61
N ILE A 208 -4.11 26.79 29.80
CA ILE A 208 -4.58 25.61 29.06
C ILE A 208 -5.33 25.97 27.79
N GLU A 209 -4.91 25.36 26.68
CA GLU A 209 -5.61 25.45 25.41
C GLU A 209 -6.97 24.74 25.50
N ILE A 210 -8.06 25.51 25.49
CA ILE A 210 -9.41 24.97 25.65
CA ILE A 210 -9.37 24.90 25.63
C ILE A 210 -10.15 24.72 24.33
N TRP A 211 -10.14 25.73 23.46
CA TRP A 211 -10.97 25.70 22.26
C TRP A 211 -10.21 26.19 21.03
N ASN A 212 -10.12 25.35 20.01
CA ASN A 212 -9.52 25.73 18.74
C ASN A 212 -10.61 26.00 17.70
N ILE A 213 -10.52 27.16 17.05
CA ILE A 213 -11.47 27.53 16.01
C ILE A 213 -10.72 27.63 14.68
N VAL A 214 -10.98 26.66 13.80
CA VAL A 214 -10.23 26.56 12.56
C VAL A 214 -11.00 27.16 11.37
N PHE A 215 -10.36 28.09 10.68
CA PHE A 215 -10.93 28.65 9.47
C PHE A 215 -10.45 27.85 8.27
N MET A 216 -11.21 26.81 7.92
CA MET A 216 -10.87 25.89 6.85
C MET A 216 -10.81 26.59 5.51
N GLN A 217 -9.65 26.53 4.87
CA GLN A 217 -9.38 27.28 3.64
C GLN A 217 -8.75 26.46 2.52
N PHE A 218 -8.00 25.42 2.88
CA PHE A 218 -7.24 24.66 1.90
C PHE A 218 -7.40 23.15 2.04
N ASN A 219 -7.08 22.44 0.96
CA ASN A 219 -6.82 21.02 1.01
C ASN A 219 -5.33 20.81 0.76
N ARG A 220 -4.63 20.29 1.76
CA ARG A 220 -3.20 20.06 1.61
C ARG A 220 -2.92 18.82 0.75
N GLN A 221 -2.02 19.01 -0.21
CA GLN A 221 -1.51 17.92 -1.05
C GLN A 221 -0.31 17.20 -0.44
N ALA A 222 -0.04 16.02 -0.98
CA ALA A 222 1.10 15.20 -0.56
C ALA A 222 2.42 15.96 -0.73
N ASP A 223 2.53 16.74 -1.80
CA ASP A 223 3.74 17.52 -2.07
C ASP A 223 3.90 18.70 -1.10
N GLY A 224 2.83 19.03 -0.39
CA GLY A 224 2.87 20.11 0.59
C GLY A 224 2.19 21.36 0.09
N THR A 225 1.69 21.30 -1.15
CA THR A 225 1.00 22.44 -1.74
C THR A 225 -0.43 22.58 -1.21
N MET A 226 -0.92 23.81 -1.17
CA MET A 226 -2.24 24.12 -0.65
C MET A 226 -3.21 24.44 -1.78
N GLU A 227 -4.27 23.64 -1.91
CA GLU A 227 -5.32 23.93 -2.87
C GLU A 227 -6.56 24.43 -2.13
N PRO A 228 -7.09 25.59 -2.56
CA PRO A 228 -8.22 26.21 -1.90
C PRO A 228 -9.45 25.29 -1.86
N LEU A 229 -10.13 25.27 -0.71
CA LEU A 229 -11.43 24.61 -0.62
C LEU A 229 -12.45 25.47 -1.35
N PRO A 230 -13.51 24.83 -1.89
CA PRO A 230 -14.54 25.53 -2.65
C PRO A 230 -15.23 26.63 -1.83
N LYS A 231 -15.48 26.36 -0.56
CA LYS A 231 -16.11 27.34 0.31
C LYS A 231 -15.37 27.42 1.63
N PRO A 232 -14.88 28.61 1.99
CA PRO A 232 -14.29 28.82 3.31
C PRO A 232 -15.28 28.36 4.38
N SER A 233 -14.80 27.58 5.34
CA SER A 233 -15.70 26.95 6.30
C SER A 233 -15.11 26.99 7.71
N VAL A 234 -15.87 26.51 8.68
CA VAL A 234 -15.44 26.55 10.08
C VAL A 234 -15.43 25.16 10.72
N ASP A 235 -14.32 24.86 11.39
CA ASP A 235 -14.15 23.63 12.17
C ASP A 235 -13.69 24.02 13.56
N THR A 236 -14.56 23.90 14.56
CA THR A 236 -14.15 24.21 15.94
C THR A 236 -14.03 22.95 16.78
N ALA A 237 -13.25 23.03 17.85
CA ALA A 237 -12.84 21.85 18.59
C ALA A 237 -12.38 22.20 20.01
N MET A 238 -13.18 21.80 20.99
CA MET A 238 -12.88 22.05 22.40
C MET A 238 -12.76 20.74 23.16
N GLY A 239 -11.70 20.61 23.95
CA GLY A 239 -11.50 19.40 24.76
C GLY A 239 -12.49 19.35 25.92
N LEU A 240 -13.35 18.34 25.90
CA LEU A 240 -14.38 18.18 26.92
C LEU A 240 -13.77 18.10 28.32
N GLU A 241 -12.73 17.29 28.46
CA GLU A 241 -12.08 17.10 29.75
C GLU A 241 -11.44 18.40 30.25
N ARG A 242 -10.87 19.18 29.34
CA ARG A 242 -10.23 20.44 29.70
C ARG A 242 -11.23 21.50 30.17
N ILE A 243 -12.35 21.62 29.47
CA ILE A 243 -13.37 22.60 29.87
C ILE A 243 -14.07 22.13 31.16
N ALA A 244 -14.22 20.82 31.31
CA ALA A 244 -14.79 20.26 32.53
C ALA A 244 -13.94 20.63 33.75
N ALA A 245 -12.63 20.56 33.59
CA ALA A 245 -11.70 20.94 34.67
C ALA A 245 -11.94 22.38 35.08
N VAL A 246 -12.04 23.26 34.09
CA VAL A 246 -12.31 24.68 34.35
C VAL A 246 -13.62 24.85 35.11
N LEU A 247 -14.68 24.25 34.61
CA LEU A 247 -16.03 24.39 35.17
C LEU A 247 -16.19 23.76 36.55
N GLN A 248 -15.43 22.70 36.81
CA GLN A 248 -15.50 22.02 38.10
C GLN A 248 -14.46 22.56 39.09
N HIS A 249 -13.80 23.65 38.70
CA HIS A 249 -12.85 24.37 39.56
C HIS A 249 -11.68 23.52 40.03
N VAL A 250 -11.15 22.70 39.11
CA VAL A 250 -9.95 21.94 39.36
C VAL A 250 -8.93 22.29 38.29
N ASN A 251 -7.70 21.84 38.46
CA ASN A 251 -6.65 22.22 37.52
C ASN A 251 -6.28 21.13 36.52
N SER A 252 -6.33 19.87 36.95
CA SER A 252 -5.98 18.75 36.09
C SER A 252 -7.19 18.06 35.50
N ASN A 253 -7.09 17.62 34.25
CA ASN A 253 -8.12 16.79 33.63
C ASN A 253 -8.46 15.61 34.51
N TYR A 254 -7.46 15.08 35.20
CA TYR A 254 -7.63 13.87 36.00
C TYR A 254 -8.34 14.12 37.32
N ASP A 255 -8.64 15.39 37.60
CA ASP A 255 -9.39 15.76 38.79
C ASP A 255 -10.88 16.00 38.53
N ILE A 256 -11.31 15.85 37.27
CA ILE A 256 -12.74 15.96 36.98
C ILE A 256 -13.48 14.73 37.50
N ASP A 257 -14.79 14.86 37.67
CA ASP A 257 -15.62 13.78 38.21
C ASP A 257 -15.38 12.44 37.51
N LEU A 258 -15.32 12.47 36.18
CA LEU A 258 -15.12 11.27 35.39
C LEU A 258 -13.84 10.53 35.78
N PHE A 259 -12.72 11.25 35.84
CA PHE A 259 -11.44 10.62 36.12
C PHE A 259 -11.23 10.30 37.60
N ARG A 260 -11.82 11.11 38.49
CA ARG A 260 -11.74 10.83 39.91
C ARG A 260 -12.34 9.45 40.21
N THR A 261 -13.52 9.20 39.64
CA THR A 261 -14.20 7.92 39.82
C THR A 261 -13.44 6.78 39.17
N LEU A 262 -12.93 7.01 37.96
CA LEU A 262 -12.19 6.00 37.22
C LEU A 262 -10.88 5.62 37.93
N ILE A 263 -10.17 6.63 38.44
CA ILE A 263 -8.91 6.39 39.15
C ILE A 263 -9.12 5.58 40.44
N GLN A 264 -10.24 5.82 41.12
CA GLN A 264 -10.60 5.03 42.28
C GLN A 264 -10.74 3.55 41.91
N ALA A 265 -11.36 3.29 40.77
CA ALA A 265 -11.54 1.93 40.28
C ALA A 265 -10.19 1.28 39.94
N VAL A 266 -9.27 2.06 39.38
CA VAL A 266 -7.94 1.56 39.06
C VAL A 266 -7.19 1.17 40.35
N ALA A 267 -7.28 2.04 41.36
CA ALA A 267 -6.67 1.76 42.66
C ALA A 267 -7.23 0.47 43.26
N LYS A 268 -8.54 0.33 43.16
CA LYS A 268 -9.25 -0.85 43.67
C LYS A 268 -8.75 -2.15 43.03
N VAL A 269 -8.65 -2.17 41.70
CA VAL A 269 -8.28 -3.40 41.00
C VAL A 269 -6.79 -3.71 41.03
N THR A 270 -5.96 -2.68 41.24
CA THR A 270 -4.51 -2.89 41.29
C THR A 270 -4.04 -3.07 42.73
N GLY A 271 -4.87 -2.66 43.68
CA GLY A 271 -4.49 -2.71 45.09
C GLY A 271 -3.61 -1.54 45.49
N ALA A 272 -3.50 -0.54 44.63
CA ALA A 272 -2.75 0.67 44.94
C ALA A 272 -3.51 1.50 45.97
N THR A 273 -2.78 2.24 46.80
CA THR A 273 -3.41 3.08 47.82
C THR A 273 -3.10 4.56 47.66
N ASP A 274 -1.96 4.86 47.03
CA ASP A 274 -1.56 6.23 46.77
C ASP A 274 -2.26 6.76 45.51
N LEU A 275 -3.39 7.44 45.71
CA LEU A 275 -4.20 7.92 44.60
C LEU A 275 -3.54 9.01 43.77
N SER A 276 -2.28 9.34 44.10
CA SER A 276 -1.57 10.40 43.40
C SER A 276 -0.48 9.86 42.47
N ASN A 277 -0.22 8.56 42.53
CA ASN A 277 0.78 7.94 41.68
C ASN A 277 0.39 8.06 40.21
N LYS A 278 1.36 8.47 39.37
CA LYS A 278 1.06 8.77 37.97
C LYS A 278 0.60 7.56 37.17
N SER A 279 0.97 6.35 37.62
CA SER A 279 0.56 5.13 36.93
C SER A 279 -0.96 4.94 36.95
N LEU A 280 -1.61 5.40 38.02
CA LEU A 280 -3.06 5.33 38.11
C LEU A 280 -3.70 6.18 37.01
N ARG A 281 -3.10 7.34 36.75
CA ARG A 281 -3.59 8.23 35.71
C ARG A 281 -3.37 7.63 34.32
N VAL A 282 -2.20 7.02 34.14
CA VAL A 282 -1.88 6.37 32.86
C VAL A 282 -2.86 5.25 32.54
N ILE A 283 -3.13 4.39 33.53
CA ILE A 283 -4.06 3.27 33.34
C ILE A 283 -5.48 3.76 33.08
N ALA A 284 -5.91 4.78 33.81
CA ALA A 284 -7.23 5.38 33.62
C ALA A 284 -7.40 5.89 32.19
N ASP A 285 -6.36 6.55 31.68
CA ASP A 285 -6.35 7.01 30.29
C ASP A 285 -6.40 5.84 29.31
N HIS A 286 -5.56 4.85 29.58
CA HIS A 286 -5.36 3.75 28.64
C HIS A 286 -6.58 2.84 28.50
N ILE A 287 -7.32 2.63 29.58
CA ILE A 287 -8.55 1.84 29.46
C ILE A 287 -9.57 2.52 28.54
N ARG A 288 -9.58 3.85 28.52
CA ARG A 288 -10.49 4.58 27.64
C ARG A 288 -10.16 4.34 26.17
N SER A 289 -8.90 4.55 25.79
CA SER A 289 -8.50 4.31 24.40
C SER A 289 -8.65 2.82 24.03
N CYS A 290 -8.17 1.93 24.89
CA CYS A 290 -8.21 0.50 24.58
C CYS A 290 -9.64 -0.05 24.45
N ALA A 291 -10.49 0.23 25.43
CA ALA A 291 -11.86 -0.29 25.42
C ALA A 291 -12.68 0.23 24.24
N PHE A 292 -12.60 1.54 23.99
CA PHE A 292 -13.33 2.13 22.88
C PHE A 292 -12.82 1.68 21.52
N LEU A 293 -11.51 1.52 21.38
CA LEU A 293 -10.93 1.03 20.13
C LEU A 293 -11.45 -0.37 19.81
N ILE A 294 -11.49 -1.23 20.82
CA ILE A 294 -12.03 -2.57 20.66
C ILE A 294 -13.53 -2.55 20.33
N ALA A 295 -14.27 -1.67 21.00
CA ALA A 295 -15.69 -1.51 20.72
C ALA A 295 -15.92 -1.08 19.27
N ASP A 296 -15.00 -0.28 18.74
CA ASP A 296 -15.10 0.20 17.37
C ASP A 296 -14.46 -0.73 16.33
N GLY A 297 -14.10 -1.94 16.76
CA GLY A 297 -13.67 -2.98 15.82
C GLY A 297 -12.20 -3.36 15.75
N VAL A 298 -11.35 -2.70 16.53
CA VAL A 298 -9.92 -3.00 16.50
C VAL A 298 -9.61 -4.24 17.33
N MET A 299 -8.86 -5.16 16.75
CA MET A 299 -8.40 -6.35 17.47
C MET A 299 -6.89 -6.31 17.59
N PRO A 300 -6.36 -6.69 18.77
CA PRO A 300 -4.92 -6.67 18.97
C PRO A 300 -4.20 -7.53 17.93
N SER A 301 -3.08 -7.03 17.42
CA SER A 301 -2.30 -7.74 16.42
C SER A 301 -0.88 -7.17 16.41
N ASN A 302 -0.06 -7.64 15.48
CA ASN A 302 1.29 -7.13 15.36
C ASN A 302 1.48 -6.22 14.15
N GLU A 303 0.36 -5.70 13.62
CA GLU A 303 0.39 -4.84 12.44
CA GLU A 303 0.42 -4.82 12.46
C GLU A 303 -0.59 -3.67 12.54
N ASN A 304 -0.20 -2.52 12.01
CA ASN A 304 -1.13 -1.40 11.83
C ASN A 304 -1.97 -1.06 13.06
N ARG A 305 -3.28 -0.93 12.90
CA ARG A 305 -4.13 -0.51 14.02
C ARG A 305 -4.06 -1.47 15.20
N GLY A 306 -4.03 -2.76 14.91
CA GLY A 306 -3.98 -3.77 15.96
C GLY A 306 -2.75 -3.64 16.82
N TYR A 307 -1.64 -3.21 16.24
CA TYR A 307 -0.39 -3.09 17.00
C TYR A 307 -0.39 -1.86 17.89
N VAL A 308 -0.98 -0.76 17.43
CA VAL A 308 -1.13 0.42 18.29
C VAL A 308 -1.96 0.04 19.52
N LEU A 309 -3.07 -0.67 19.29
CA LEU A 309 -3.90 -1.15 20.40
C LEU A 309 -3.10 -2.06 21.33
N ARG A 310 -2.40 -3.03 20.75
CA ARG A 310 -1.57 -3.95 21.53
C ARG A 310 -0.55 -3.19 22.39
N ARG A 311 0.10 -2.20 21.78
CA ARG A 311 1.10 -1.41 22.49
CA ARG A 311 1.10 -1.40 22.47
C ARG A 311 0.52 -0.68 23.69
N ILE A 312 -0.66 -0.08 23.53
CA ILE A 312 -1.29 0.64 24.64
C ILE A 312 -1.75 -0.32 25.75
N ILE A 313 -2.35 -1.44 25.36
CA ILE A 313 -2.76 -2.44 26.36
C ILE A 313 -1.56 -2.90 27.19
N ARG A 314 -0.49 -3.27 26.51
CA ARG A 314 0.69 -3.81 27.19
C ARG A 314 1.37 -2.77 28.09
N ARG A 315 1.39 -1.51 27.65
CA ARG A 315 1.91 -0.43 28.49
C ARG A 315 1.05 -0.24 29.73
N ALA A 316 -0.27 -0.37 29.58
CA ALA A 316 -1.18 -0.28 30.71
C ALA A 316 -0.94 -1.42 31.71
N VAL A 317 -0.77 -2.63 31.20
CA VAL A 317 -0.50 -3.79 32.05
C VAL A 317 0.82 -3.61 32.80
N ARG A 318 1.83 -3.09 32.10
CA ARG A 318 3.13 -2.81 32.70
C ARG A 318 2.97 -1.84 33.90
N HIS A 319 2.22 -0.77 33.70
CA HIS A 319 1.96 0.18 34.79
C HIS A 319 1.24 -0.47 35.95
N GLY A 320 0.33 -1.40 35.64
CA GLY A 320 -0.36 -2.15 36.68
C GLY A 320 0.62 -3.00 37.47
N ASN A 321 1.60 -3.57 36.78
CA ASN A 321 2.67 -4.34 37.42
C ASN A 321 3.48 -3.47 38.37
N MET A 322 3.79 -2.25 37.96
CA MET A 322 4.55 -1.33 38.78
C MET A 322 3.80 -0.96 40.07
N LEU A 323 2.47 -0.93 39.99
CA LEU A 323 1.64 -0.62 41.15
C LEU A 323 1.43 -1.82 42.06
N GLY A 324 1.83 -3.01 41.56
CA GLY A 324 1.76 -4.22 42.37
C GLY A 324 0.52 -5.07 42.15
N ALA A 325 -0.09 -4.98 40.97
CA ALA A 325 -1.24 -5.83 40.66
C ALA A 325 -0.81 -7.30 40.70
N LYS A 326 -1.52 -8.09 41.49
CA LYS A 326 -1.18 -9.50 41.67
C LYS A 326 -1.95 -10.42 40.75
N GLU A 327 -2.95 -9.88 40.07
CA GLU A 327 -3.75 -10.67 39.15
C GLU A 327 -4.28 -9.85 37.98
N THR A 328 -4.76 -10.55 36.96
CA THR A 328 -5.28 -9.92 35.76
C THR A 328 -6.28 -8.86 36.17
N PHE A 329 -6.07 -7.62 35.71
CA PHE A 329 -6.87 -6.50 36.21
C PHE A 329 -7.52 -5.59 35.15
N PHE A 330 -6.88 -5.45 33.99
CA PHE A 330 -7.23 -4.37 33.06
C PHE A 330 -8.67 -4.47 32.57
N TYR A 331 -9.11 -5.69 32.25
CA TYR A 331 -10.48 -5.89 31.77
C TYR A 331 -11.52 -5.53 32.83
N LYS A 332 -11.13 -5.52 34.10
CA LYS A 332 -12.06 -5.22 35.19
C LYS A 332 -12.48 -3.75 35.19
N LEU A 333 -11.82 -2.95 34.36
CA LEU A 333 -12.06 -1.51 34.33
C LEU A 333 -13.11 -1.09 33.30
N VAL A 334 -13.53 -2.03 32.46
CA VAL A 334 -14.54 -1.74 31.44
C VAL A 334 -15.88 -1.33 32.06
N GLY A 335 -16.31 -2.07 33.07
CA GLY A 335 -17.53 -1.74 33.80
C GLY A 335 -17.51 -0.33 34.37
N PRO A 336 -16.55 -0.02 35.24
CA PRO A 336 -16.34 1.32 35.77
C PRO A 336 -16.30 2.40 34.68
N LEU A 337 -15.65 2.10 33.55
CA LEU A 337 -15.57 3.05 32.45
C LEU A 337 -16.95 3.35 31.86
N ILE A 338 -17.70 2.30 31.57
CA ILE A 338 -19.08 2.46 31.10
C ILE A 338 -19.86 3.34 32.06
N ASP A 339 -19.66 3.13 33.35
CA ASP A 339 -20.39 3.86 34.39
C ASP A 339 -20.12 5.37 34.44
N VAL A 340 -18.96 5.81 33.95
CA VAL A 340 -18.62 7.23 33.97
C VAL A 340 -18.79 7.94 32.62
N MET A 341 -19.05 7.18 31.57
CA MET A 341 -19.07 7.75 30.21
C MET A 341 -20.45 8.23 29.76
N GLY A 342 -21.49 7.90 30.50
CA GLY A 342 -22.85 8.31 30.14
C GLY A 342 -23.27 7.84 28.76
N SER A 343 -23.96 8.70 28.02
CA SER A 343 -24.42 8.35 26.68
C SER A 343 -23.27 8.14 25.69
N ALA A 344 -22.12 8.72 26.00
CA ALA A 344 -20.94 8.61 25.13
C ALA A 344 -20.33 7.22 25.15
N GLY A 345 -20.78 6.38 26.08
CA GLY A 345 -20.27 5.02 26.20
C GLY A 345 -21.21 3.95 25.67
N GLU A 346 -22.27 4.36 24.99
CA GLU A 346 -23.29 3.41 24.55
C GLU A 346 -22.75 2.27 23.66
N ASP A 347 -21.84 2.58 22.75
CA ASP A 347 -21.24 1.56 21.88
C ASP A 347 -20.37 0.57 22.67
N LEU A 348 -19.75 1.07 23.73
CA LEU A 348 -18.94 0.23 24.61
C LEU A 348 -19.82 -0.66 25.47
N LYS A 349 -20.89 -0.09 26.01
CA LYS A 349 -21.83 -0.84 26.85
C LYS A 349 -22.45 -1.98 26.06
N ARG A 350 -22.82 -1.69 24.82
CA ARG A 350 -23.40 -2.67 23.91
C ARG A 350 -22.49 -3.89 23.76
N GLN A 351 -21.19 -3.67 23.81
CA GLN A 351 -20.24 -4.75 23.59
C GLN A 351 -19.35 -5.03 24.79
N GLN A 352 -19.88 -4.82 25.98
CA GLN A 352 -19.10 -4.95 27.20
C GLN A 352 -18.37 -6.29 27.32
N ALA A 353 -19.11 -7.39 27.20
CA ALA A 353 -18.55 -8.73 27.37
C ALA A 353 -17.42 -9.00 26.38
N GLN A 354 -17.64 -8.67 25.12
CA GLN A 354 -16.62 -8.88 24.08
C GLN A 354 -15.35 -8.10 24.37
N VAL A 355 -15.50 -6.82 24.69
CA VAL A 355 -14.36 -5.96 25.01
C VAL A 355 -13.59 -6.52 26.22
N GLU A 356 -14.32 -6.91 27.26
CA GLU A 356 -13.71 -7.50 28.44
C GLU A 356 -12.87 -8.73 28.10
N GLN A 357 -13.41 -9.61 27.26
CA GLN A 357 -12.69 -10.83 26.90
C GLN A 357 -11.41 -10.53 26.09
N VAL A 358 -11.51 -9.61 25.14
CA VAL A 358 -10.34 -9.23 24.34
C VAL A 358 -9.22 -8.72 25.25
N LEU A 359 -9.56 -7.83 26.19
CA LEU A 359 -8.58 -7.27 27.11
C LEU A 359 -8.01 -8.32 28.06
N LYS A 360 -8.86 -9.21 28.54
CA LYS A 360 -8.44 -10.29 29.44
C LYS A 360 -7.43 -11.19 28.74
N THR A 361 -7.79 -11.64 27.52
CA THR A 361 -6.92 -12.50 26.74
C THR A 361 -5.57 -11.86 26.47
N GLU A 362 -5.58 -10.60 26.06
CA GLU A 362 -4.35 -9.87 25.75
C GLU A 362 -3.44 -9.73 26.98
N GLU A 363 -4.03 -9.43 28.12
CA GLU A 363 -3.23 -9.30 29.35
C GLU A 363 -2.63 -10.66 29.75
N GLU A 364 -3.46 -11.70 29.70
CA GLU A 364 -3.00 -13.05 30.03
C GLU A 364 -1.87 -13.49 29.10
N GLN A 365 -2.03 -13.20 27.82
CA GLN A 365 -1.00 -13.49 26.82
C GLN A 365 0.31 -12.77 27.13
N PHE A 366 0.24 -11.49 27.47
CA PHE A 366 1.44 -10.72 27.78
C PHE A 366 2.08 -11.14 29.10
N ALA A 367 1.26 -11.57 30.05
CA ALA A 367 1.75 -12.03 31.35
C ALA A 367 2.71 -13.22 31.22
N ARG A 368 2.62 -13.93 30.10
CA ARG A 368 3.51 -15.06 29.84
C ARG A 368 4.98 -14.64 29.77
N THR A 369 5.22 -13.35 29.49
CA THR A 369 6.58 -12.84 29.33
C THR A 369 6.88 -11.55 30.11
N LEU A 370 5.87 -10.89 30.64
CA LEU A 370 6.07 -9.57 31.26
C LEU A 370 7.12 -9.55 32.39
N GLU A 371 6.87 -10.32 33.44
CA GLU A 371 7.77 -10.32 34.59
C GLU A 371 9.16 -10.81 34.22
N ARG A 372 9.24 -11.84 33.40
CA ARG A 372 10.52 -12.36 32.93
C ARG A 372 11.28 -11.30 32.15
N GLY A 373 10.58 -10.55 31.29
CA GLY A 373 11.19 -9.48 30.51
C GLY A 373 11.64 -8.32 31.39
N LEU A 374 10.83 -7.99 32.38
CA LEU A 374 11.19 -6.92 33.32
C LEU A 374 12.41 -7.31 34.14
N ALA A 375 12.50 -8.59 34.50
CA ALA A 375 13.65 -9.10 35.22
C ALA A 375 14.92 -8.94 34.39
N LEU A 376 14.84 -9.29 33.11
CA LEU A 376 15.97 -9.12 32.20
C LEU A 376 16.35 -7.65 32.06
N LEU A 377 15.35 -6.79 31.90
CA LEU A 377 15.60 -5.36 31.75
C LEU A 377 16.27 -4.78 33.00
N ASP A 378 15.81 -5.20 34.17
CA ASP A 378 16.43 -4.79 35.43
C ASP A 378 17.88 -5.24 35.49
N GLU A 379 18.12 -6.49 35.12
CA GLU A 379 19.48 -7.06 35.07
CA GLU A 379 19.47 -7.04 35.07
C GLU A 379 20.39 -6.21 34.18
N GLU A 380 19.90 -5.85 33.00
CA GLU A 380 20.67 -5.08 32.04
C GLU A 380 20.91 -3.63 32.48
N LEU A 381 19.91 -3.03 33.12
CA LEU A 381 20.04 -1.65 33.59
C LEU A 381 20.98 -1.55 34.80
N ALA A 382 21.01 -2.62 35.60
CA ALA A 382 21.86 -2.66 36.80
C ALA A 382 23.33 -2.60 36.45
N LYS A 383 23.72 -3.21 35.34
CA LYS A 383 25.12 -3.25 34.93
C LYS A 383 25.40 -2.29 33.78
N LEU A 384 24.40 -1.53 33.38
CA LEU A 384 24.55 -0.58 32.29
C LEU A 384 25.44 0.60 32.68
N SER A 385 26.40 0.91 31.80
CA SER A 385 27.26 2.07 31.99
C SER A 385 26.86 3.16 31.01
N GLY A 386 26.37 4.28 31.54
CA GLY A 386 25.87 5.35 30.70
C GLY A 386 24.38 5.56 30.85
N ASP A 387 23.82 6.45 30.02
CA ASP A 387 22.42 6.83 30.14
C ASP A 387 21.54 6.26 29.04
N THR A 388 22.03 5.27 28.33
CA THR A 388 21.31 4.73 27.17
C THR A 388 21.36 3.20 27.09
N LEU A 389 20.18 2.58 27.04
CA LEU A 389 20.08 1.14 26.82
C LEU A 389 20.46 0.83 25.38
N ASP A 390 21.29 -0.19 25.18
CA ASP A 390 21.74 -0.58 23.85
C ASP A 390 20.60 -1.15 23.03
N GLY A 391 20.68 -0.97 21.71
CA GLY A 391 19.66 -1.43 20.79
C GLY A 391 19.47 -2.94 20.78
N GLU A 392 20.55 -3.68 21.01
CA GLU A 392 20.46 -5.14 21.03
C GLU A 392 19.56 -5.63 22.16
N THR A 393 19.71 -5.03 23.33
CA THR A 393 18.87 -5.39 24.47
C THR A 393 17.40 -5.02 24.22
N ALA A 394 17.17 -3.83 23.69
CA ALA A 394 15.82 -3.40 23.35
C ALA A 394 15.21 -4.37 22.34
N PHE A 395 16.02 -4.79 21.38
CA PHE A 395 15.54 -5.72 20.36
C PHE A 395 15.27 -7.11 20.93
N ARG A 396 16.09 -7.54 21.89
CA ARG A 396 15.88 -8.83 22.53
C ARG A 396 14.58 -8.85 23.34
N LEU A 397 14.30 -7.74 24.02
CA LEU A 397 13.04 -7.61 24.76
C LEU A 397 11.85 -7.66 23.80
N TYR A 398 12.02 -7.06 22.62
CA TYR A 398 11.00 -7.08 21.58
C TYR A 398 10.80 -8.49 21.02
N ASP A 399 11.91 -9.10 20.59
CA ASP A 399 11.84 -10.37 19.86
C ASP A 399 11.50 -11.58 20.75
N THR A 400 12.09 -11.63 21.93
CA THR A 400 11.87 -12.75 22.85
C THR A 400 10.65 -12.55 23.76
N TYR A 401 10.48 -11.33 24.28
CA TYR A 401 9.49 -11.08 25.33
C TYR A 401 8.25 -10.30 24.86
N GLY A 402 8.25 -9.86 23.60
CA GLY A 402 7.10 -9.15 23.05
C GLY A 402 6.94 -7.74 23.59
N PHE A 403 8.05 -7.13 24.00
CA PHE A 403 8.07 -5.74 24.48
C PHE A 403 8.20 -4.78 23.30
N PRO A 404 7.14 -4.02 23.00
CA PRO A 404 7.34 -2.98 21.99
C PRO A 404 8.42 -2.01 22.48
N VAL A 405 9.18 -1.45 21.55
CA VAL A 405 10.32 -0.59 21.92
C VAL A 405 9.90 0.62 22.76
N ASP A 406 8.71 1.15 22.50
CA ASP A 406 8.20 2.28 23.27
C ASP A 406 7.79 1.88 24.70
N LEU A 407 7.43 0.62 24.89
CA LEU A 407 7.15 0.11 26.22
C LEU A 407 8.45 0.03 27.02
N THR A 408 9.50 -0.47 26.38
CA THR A 408 10.83 -0.53 26.98
C THR A 408 11.33 0.89 27.29
N ALA A 409 11.15 1.81 26.34
CA ALA A 409 11.54 3.20 26.52
C ALA A 409 10.79 3.86 27.69
N ASP A 410 9.53 3.48 27.87
CA ASP A 410 8.69 4.00 28.95
C ASP A 410 9.24 3.61 30.32
N VAL A 411 9.60 2.33 30.46
CA VAL A 411 10.20 1.84 31.70
C VAL A 411 11.53 2.55 31.97
N CYS A 412 12.33 2.69 30.92
CA CYS A 412 13.65 3.31 31.04
C CYS A 412 13.55 4.80 31.36
N ARG A 413 12.57 5.46 30.77
CA ARG A 413 12.36 6.89 30.98
C ARG A 413 12.11 7.19 32.46
N GLU A 414 11.43 6.27 33.14
CA GLU A 414 11.13 6.42 34.57
C GLU A 414 12.40 6.36 35.43
N ARG A 415 13.50 5.92 34.84
CA ARG A 415 14.76 5.84 35.56
C ARG A 415 15.80 6.75 34.92
N ASN A 416 15.31 7.72 34.14
CA ASN A 416 16.18 8.68 33.45
C ASN A 416 17.18 8.00 32.53
N ILE A 417 16.74 6.91 31.90
CA ILE A 417 17.56 6.19 30.94
C ILE A 417 16.89 6.25 29.56
N LYS A 418 17.70 6.51 28.54
CA LYS A 418 17.22 6.56 27.17
C LYS A 418 17.37 5.19 26.49
N VAL A 419 16.76 5.05 25.31
CA VAL A 419 16.93 3.84 24.51
C VAL A 419 17.56 4.21 23.18
N ASP A 420 18.55 3.43 22.75
CA ASP A 420 19.18 3.64 21.45
C ASP A 420 18.23 3.16 20.35
N GLU A 421 17.38 4.05 19.87
CA GLU A 421 16.40 3.74 18.85
C GLU A 421 17.05 3.34 17.53
N ALA A 422 18.14 4.03 17.18
CA ALA A 422 18.88 3.71 15.97
C ALA A 422 19.44 2.29 16.02
N GLY A 423 19.92 1.89 17.20
CA GLY A 423 20.41 0.53 17.41
C GLY A 423 19.33 -0.53 17.30
N PHE A 424 18.16 -0.24 17.87
CA PHE A 424 17.00 -1.12 17.77
C PHE A 424 16.60 -1.34 16.32
N GLU A 425 16.53 -0.24 15.57
CA GLU A 425 16.18 -0.29 14.16
C GLU A 425 17.20 -1.06 13.33
N ALA A 426 18.47 -0.88 13.66
CA ALA A 426 19.54 -1.63 13.00
C ALA A 426 19.39 -3.12 13.23
N ALA A 427 19.04 -3.48 14.46
CA ALA A 427 18.80 -4.87 14.83
C ALA A 427 17.60 -5.45 14.08
N MET A 428 16.53 -4.66 13.97
CA MET A 428 15.35 -5.10 13.23
CA MET A 428 15.33 -5.05 13.22
C MET A 428 15.67 -5.28 11.76
N GLU A 429 16.42 -4.35 11.19
CA GLU A 429 16.82 -4.43 9.79
C GLU A 429 17.73 -5.64 9.54
N GLU A 430 18.65 -5.90 10.45
CA GLU A 430 19.53 -7.07 10.35
C GLU A 430 18.69 -8.35 10.29
N GLN A 431 17.65 -8.42 11.11
CA GLN A 431 16.77 -9.58 11.12
C GLN A 431 15.96 -9.68 9.83
N ARG A 432 15.51 -8.55 9.30
CA ARG A 432 14.80 -8.56 8.03
C ARG A 432 15.70 -9.09 6.91
N ARG A 433 16.97 -8.71 6.94
CA ARG A 433 17.93 -9.19 5.95
C ARG A 433 18.12 -10.71 6.06
N ARG A 434 18.18 -11.22 7.29
CA ARG A 434 18.26 -12.65 7.50
C ARG A 434 17.03 -13.36 6.95
N ALA A 435 15.86 -12.76 7.15
CA ALA A 435 14.62 -13.34 6.64
C ALA A 435 14.61 -13.38 5.11
N ARG A 436 15.07 -12.31 4.47
CA ARG A 436 15.14 -12.27 3.01
C ARG A 436 16.13 -13.30 2.46
N GLU A 437 17.29 -13.41 3.10
CA GLU A 437 18.30 -14.36 2.68
CA GLU A 437 18.31 -14.36 2.71
C GLU A 437 17.78 -15.80 2.77
N ALA A 438 17.07 -16.11 3.84
CA ALA A 438 16.54 -17.46 4.03
C ALA A 438 15.36 -17.78 3.11
N SER A 439 14.46 -16.80 2.92
CA SER A 439 13.26 -17.03 2.12
CA SER A 439 13.26 -17.01 2.12
C SER A 439 13.55 -17.05 0.62
N GLY A 440 14.56 -16.30 0.20
CA GLY A 440 14.95 -16.27 -1.21
C GLY A 440 14.09 -15.37 -2.08
N PHE A 441 13.78 -15.82 -3.29
CA PHE A 441 13.09 -15.00 -4.28
C PHE A 441 11.67 -14.60 -3.87
N SER B 1 15.52 -32.30 -36.47
CA SER B 1 15.91 -31.10 -35.68
C SER B 1 15.79 -31.36 -34.17
N LYS B 2 16.40 -30.49 -33.38
CA LYS B 2 16.34 -30.57 -31.93
C LYS B 2 14.94 -30.25 -31.42
N SER B 3 14.51 -30.99 -30.39
CA SER B 3 13.25 -30.70 -29.73
C SER B 3 13.43 -29.48 -28.84
N THR B 4 12.31 -28.90 -28.40
CA THR B 4 12.36 -27.76 -27.49
C THR B 4 13.16 -28.11 -26.23
N ALA B 5 12.91 -29.31 -25.70
CA ALA B 5 13.63 -29.81 -24.52
C ALA B 5 15.14 -29.90 -24.76
N GLU B 6 15.53 -30.40 -25.93
CA GLU B 6 16.94 -30.55 -26.28
C GLU B 6 17.62 -29.19 -26.44
N ILE B 7 16.89 -28.23 -26.99
CA ILE B 7 17.40 -26.88 -27.18
C ILE B 7 17.61 -26.19 -25.82
N ARG B 8 16.62 -26.34 -24.93
CA ARG B 8 16.73 -25.83 -23.56
C ARG B 8 17.97 -26.37 -22.89
N GLN B 9 18.17 -27.68 -22.97
CA GLN B 9 19.31 -28.34 -22.33
C GLN B 9 20.64 -27.94 -22.96
N ALA B 10 20.65 -27.81 -24.28
CA ALA B 10 21.87 -27.46 -25.01
C ALA B 10 22.36 -26.06 -24.64
N PHE B 11 21.42 -25.12 -24.48
CA PHE B 11 21.77 -23.78 -24.05
C PHE B 11 22.46 -23.81 -22.69
N LEU B 12 21.85 -24.52 -21.74
CA LEU B 12 22.41 -24.64 -20.39
C LEU B 12 23.76 -25.37 -20.41
N ASP B 13 23.85 -26.44 -21.20
CA ASP B 13 25.10 -27.17 -21.35
C ASP B 13 26.22 -26.28 -21.88
N PHE B 14 25.92 -25.46 -22.88
CA PHE B 14 26.91 -24.54 -23.43
C PHE B 14 27.49 -23.63 -22.36
N PHE B 15 26.62 -22.96 -21.62
CA PHE B 15 27.09 -22.01 -20.62
C PHE B 15 27.74 -22.70 -19.42
N HIS B 16 27.23 -23.87 -19.06
CA HIS B 16 27.85 -24.66 -18.02
C HIS B 16 29.28 -25.03 -18.42
N SER B 17 29.47 -25.40 -19.68
CA SER B 17 30.81 -25.73 -20.17
C SER B 17 31.72 -24.50 -20.20
N LYS B 18 31.09 -23.31 -20.16
CA LYS B 18 31.84 -22.05 -20.08
C LYS B 18 31.92 -21.52 -18.65
N GLY B 19 31.77 -22.42 -17.68
CA GLY B 19 31.96 -22.07 -16.27
C GLY B 19 30.79 -21.43 -15.56
N HIS B 20 29.62 -21.43 -16.20
CA HIS B 20 28.43 -20.82 -15.60
C HIS B 20 27.70 -21.80 -14.67
N GLN B 21 27.39 -21.33 -13.47
CA GLN B 21 26.58 -22.10 -12.52
C GLN B 21 25.16 -22.24 -13.06
N VAL B 22 24.68 -23.47 -13.19
CA VAL B 22 23.30 -23.70 -13.59
C VAL B 22 22.39 -23.49 -12.39
N VAL B 23 21.48 -22.52 -12.50
CA VAL B 23 20.56 -22.21 -11.42
C VAL B 23 19.14 -22.53 -11.88
N ALA B 24 18.34 -23.13 -10.99
CA ALA B 24 16.95 -23.46 -11.32
C ALA B 24 16.11 -22.22 -11.53
N SER B 25 15.14 -22.33 -12.44
CA SER B 25 14.13 -21.31 -12.62
C SER B 25 13.51 -20.94 -11.29
N SER B 26 13.31 -19.64 -11.07
CA SER B 26 12.57 -19.18 -9.91
C SER B 26 11.08 -19.42 -10.17
N SER B 27 10.28 -19.23 -9.13
CA SER B 27 8.83 -19.22 -9.26
C SER B 27 8.40 -18.01 -10.07
N LEU B 28 7.17 -18.05 -10.58
CA LEU B 28 6.54 -16.91 -11.23
C LEU B 28 6.10 -15.85 -10.21
N VAL B 29 6.08 -16.22 -8.94
CA VAL B 29 5.60 -15.30 -7.89
C VAL B 29 6.70 -15.03 -6.87
N PRO B 30 7.18 -13.77 -6.81
CA PRO B 30 8.21 -13.41 -5.84
C PRO B 30 7.65 -13.31 -4.44
N HIS B 31 8.45 -13.69 -3.46
CA HIS B 31 8.09 -13.54 -2.06
C HIS B 31 8.63 -12.23 -1.51
N ASN B 32 9.73 -11.74 -2.11
CA ASN B 32 10.46 -10.59 -1.56
C ASN B 32 10.70 -9.44 -2.54
N ASP B 33 9.76 -9.19 -3.45
CA ASP B 33 9.86 -8.05 -4.35
C ASP B 33 8.49 -7.43 -4.58
N PRO B 34 8.13 -6.42 -3.76
CA PRO B 34 6.82 -5.77 -3.81
C PRO B 34 6.60 -4.96 -5.10
N THR B 35 7.67 -4.73 -5.85
CA THR B 35 7.56 -4.04 -7.13
C THR B 35 7.14 -4.94 -8.30
N LEU B 36 7.12 -6.25 -8.09
CA LEU B 36 7.01 -7.18 -9.21
C LEU B 36 5.74 -8.03 -9.14
N LEU B 37 4.88 -7.91 -10.15
CA LEU B 37 3.64 -8.68 -10.21
C LEU B 37 3.91 -10.16 -10.43
N PHE B 38 4.52 -10.48 -11.59
CA PHE B 38 4.95 -11.83 -11.89
C PHE B 38 6.36 -11.77 -12.48
N THR B 39 7.08 -12.86 -12.33
CA THR B 39 8.42 -12.96 -12.90
C THR B 39 8.34 -12.70 -14.40
N ASN B 40 9.05 -11.67 -14.86
CA ASN B 40 9.02 -11.30 -16.27
C ASN B 40 10.34 -11.44 -17.00
N ALA B 41 11.37 -11.87 -16.27
CA ALA B 41 12.70 -12.06 -16.87
C ALA B 41 13.57 -13.00 -16.03
N GLY B 42 14.49 -13.68 -16.69
CA GLY B 42 15.48 -14.51 -15.99
C GLY B 42 16.25 -13.76 -14.93
N MET B 43 16.48 -12.47 -15.14
CA MET B 43 17.29 -11.69 -14.20
C MET B 43 16.58 -11.36 -12.88
N ASN B 44 15.27 -11.55 -12.81
CA ASN B 44 14.50 -11.15 -11.61
C ASN B 44 15.06 -11.73 -10.31
N GLN B 45 15.37 -13.02 -10.30
CA GLN B 45 15.84 -13.67 -9.08
C GLN B 45 17.26 -13.28 -8.71
N PHE B 46 17.93 -12.55 -9.61
CA PHE B 46 19.29 -12.07 -9.36
C PHE B 46 19.32 -10.55 -9.18
N LYS B 47 18.15 -9.94 -9.04
CA LYS B 47 18.03 -8.50 -8.93
C LYS B 47 18.97 -7.93 -7.88
N ASP B 48 18.95 -8.50 -6.68
CA ASP B 48 19.79 -8.01 -5.58
C ASP B 48 21.28 -8.28 -5.79
N VAL B 49 21.60 -9.29 -6.61
CA VAL B 49 22.98 -9.55 -6.96
C VAL B 49 23.51 -8.41 -7.83
N PHE B 50 22.73 -8.00 -8.83
CA PHE B 50 23.09 -6.86 -9.67
C PHE B 50 23.19 -5.57 -8.86
N LEU B 51 22.35 -5.43 -7.85
CA LEU B 51 22.36 -4.26 -6.97
C LEU B 51 23.55 -4.28 -6.01
N GLY B 52 24.17 -5.44 -5.88
CA GLY B 52 25.33 -5.61 -5.00
C GLY B 52 24.94 -5.81 -3.54
N LEU B 53 23.71 -6.24 -3.31
CA LEU B 53 23.19 -6.44 -1.95
C LEU B 53 23.22 -7.92 -1.56
N ASP B 54 23.27 -8.77 -2.59
CA ASP B 54 23.23 -10.22 -2.42
C ASP B 54 24.47 -10.77 -3.10
N LYS B 55 25.28 -11.53 -2.38
CA LYS B 55 26.41 -12.17 -3.04
C LYS B 55 26.29 -13.68 -3.08
N ARG B 56 26.67 -14.25 -4.22
CA ARG B 56 26.60 -15.68 -4.45
C ARG B 56 28.01 -16.22 -4.49
N ASN B 57 28.15 -17.53 -4.32
CA ASN B 57 29.46 -18.17 -4.39
C ASN B 57 29.96 -18.29 -5.84
N TYR B 58 29.11 -17.92 -6.78
CA TYR B 58 29.46 -17.93 -8.20
C TYR B 58 29.31 -16.51 -8.77
N SER B 59 30.12 -16.20 -9.78
CA SER B 59 30.10 -14.87 -10.39
C SER B 59 29.50 -14.91 -11.80
N ARG B 60 29.12 -16.10 -12.24
CA ARG B 60 28.46 -16.28 -13.53
C ARG B 60 27.45 -17.41 -13.45
N ALA B 61 26.32 -17.25 -14.11
CA ALA B 61 25.23 -18.22 -13.99
C ALA B 61 24.41 -18.33 -15.26
N THR B 62 23.60 -19.39 -15.35
CA THR B 62 22.75 -19.62 -16.50
C THR B 62 21.45 -20.30 -16.05
N THR B 63 20.33 -19.87 -16.62
CA THR B 63 19.02 -20.41 -16.25
C THR B 63 18.09 -20.50 -17.45
N SER B 64 17.07 -21.35 -17.36
CA SER B 64 15.93 -21.29 -18.25
C SER B 64 14.72 -20.91 -17.39
N GLN B 65 14.32 -19.65 -17.47
CA GLN B 65 13.37 -19.07 -16.53
C GLN B 65 11.96 -19.03 -17.10
N ARG B 66 11.00 -19.57 -16.36
CA ARG B 66 9.60 -19.38 -16.75
C ARG B 66 9.16 -17.95 -16.45
N CYS B 67 8.56 -17.31 -17.45
CA CYS B 67 8.14 -15.92 -17.34
C CYS B 67 6.66 -15.77 -17.70
N VAL B 68 6.01 -14.81 -17.08
CA VAL B 68 4.69 -14.36 -17.52
C VAL B 68 4.70 -12.85 -17.73
N ARG B 69 4.33 -12.43 -18.94
CA ARG B 69 4.23 -11.01 -19.24
C ARG B 69 2.78 -10.66 -19.56
N ALA B 70 2.01 -10.41 -18.51
CA ALA B 70 0.57 -10.18 -18.63
C ALA B 70 0.13 -9.05 -17.72
N GLY B 71 1.08 -8.20 -17.36
CA GLY B 71 0.80 -7.07 -16.47
C GLY B 71 2.10 -6.44 -16.03
N GLY B 72 2.01 -5.28 -15.41
CA GLY B 72 3.18 -4.56 -14.95
C GLY B 72 3.95 -3.91 -16.10
N LYS B 73 5.27 -3.96 -16.01
CA LYS B 73 6.15 -3.27 -16.95
C LYS B 73 6.10 -3.89 -18.34
N HIS B 74 6.11 -5.22 -18.39
CA HIS B 74 6.14 -5.94 -19.65
C HIS B 74 4.89 -6.81 -19.78
N ASN B 75 3.99 -6.38 -20.67
CA ASN B 75 2.67 -7.00 -20.78
C ASN B 75 2.30 -7.27 -22.23
N ASP B 76 2.30 -8.55 -22.62
CA ASP B 76 2.05 -8.93 -24.00
C ASP B 76 0.72 -9.67 -24.20
N LEU B 77 -0.14 -9.61 -23.19
CA LEU B 77 -1.43 -10.30 -23.24
C LEU B 77 -2.21 -9.99 -24.52
N GLU B 78 -2.28 -8.71 -24.88
CA GLU B 78 -3.09 -8.29 -26.02
C GLU B 78 -2.44 -8.59 -27.37
N ASN B 79 -1.18 -9.04 -27.34
CA ASN B 79 -0.48 -9.47 -28.54
C ASN B 79 -0.76 -10.94 -28.88
N VAL B 80 -1.18 -11.71 -27.89
CA VAL B 80 -1.36 -13.15 -28.07
C VAL B 80 -2.44 -13.46 -29.10
N GLY B 81 -2.10 -14.31 -30.06
CA GLY B 81 -3.03 -14.67 -31.13
C GLY B 81 -2.94 -13.75 -32.33
N TYR B 82 -2.28 -12.60 -32.16
CA TYR B 82 -2.15 -11.61 -33.23
C TYR B 82 -0.77 -11.58 -33.85
N THR B 83 0.22 -12.16 -33.17
CA THR B 83 1.56 -12.33 -33.74
C THR B 83 2.01 -13.76 -33.56
N ALA B 84 3.05 -14.14 -34.31
CA ALA B 84 3.58 -15.48 -34.22
C ALA B 84 4.66 -15.58 -33.14
N ARG B 85 4.89 -14.49 -32.42
CA ARG B 85 6.06 -14.41 -31.54
C ARG B 85 5.78 -14.04 -30.08
N HIS B 86 4.55 -13.66 -29.77
CA HIS B 86 4.21 -13.21 -28.41
C HIS B 86 3.40 -14.22 -27.61
N HIS B 87 3.82 -14.47 -26.37
CA HIS B 87 3.07 -15.30 -25.43
C HIS B 87 2.82 -14.54 -24.13
N THR B 88 1.92 -15.06 -23.30
CA THR B 88 1.85 -14.63 -21.91
C THR B 88 2.93 -15.39 -21.13
N PHE B 89 2.88 -16.71 -21.19
CA PHE B 89 3.89 -17.56 -20.56
C PHE B 89 4.95 -17.96 -21.58
N PHE B 90 6.22 -17.82 -21.21
CA PHE B 90 7.31 -18.29 -22.06
C PHE B 90 8.57 -18.54 -21.24
N GLU B 91 9.52 -19.27 -21.81
CA GLU B 91 10.79 -19.50 -21.15
C GLU B 91 11.87 -18.62 -21.73
N MET B 92 12.64 -18.02 -20.83
CA MET B 92 13.72 -17.12 -21.20
C MET B 92 15.05 -17.77 -20.86
N LEU B 93 15.86 -18.03 -21.87
CA LEU B 93 17.19 -18.61 -21.71
C LEU B 93 18.20 -17.51 -21.43
N GLY B 94 18.93 -17.62 -20.32
CA GLY B 94 19.82 -16.54 -19.94
C GLY B 94 21.18 -16.95 -19.43
N ASN B 95 22.18 -16.11 -19.71
CA ASN B 95 23.46 -16.17 -19.00
C ASN B 95 23.72 -14.85 -18.30
N PHE B 96 24.39 -14.91 -17.16
CA PHE B 96 24.54 -13.75 -16.30
C PHE B 96 25.98 -13.61 -15.81
N SER B 97 26.46 -12.37 -15.82
CA SER B 97 27.79 -12.06 -15.30
C SER B 97 27.65 -11.05 -14.17
N PHE B 98 28.02 -11.47 -12.97
CA PHE B 98 27.97 -10.63 -11.79
C PHE B 98 29.35 -10.06 -11.52
N GLY B 99 29.66 -8.98 -12.22
CA GLY B 99 30.99 -8.36 -12.14
C GLY B 99 32.08 -9.32 -12.57
N ASP B 100 31.77 -10.15 -13.56
CA ASP B 100 32.73 -11.14 -14.05
C ASP B 100 33.29 -10.64 -15.38
N TYR B 101 32.75 -11.12 -16.51
CA TYR B 101 33.10 -10.58 -17.82
C TYR B 101 32.08 -9.52 -18.24
N PHE B 102 32.36 -8.81 -19.33
CA PHE B 102 31.49 -7.72 -19.76
C PHE B 102 31.16 -7.76 -21.26
N LYS B 103 31.20 -6.61 -21.93
CA LYS B 103 30.62 -6.48 -23.27
C LYS B 103 31.15 -7.46 -24.32
N LEU B 104 32.47 -7.48 -24.49
CA LEU B 104 33.04 -8.27 -25.58
C LEU B 104 32.75 -9.76 -25.38
N ASP B 105 33.03 -10.29 -24.20
CA ASP B 105 32.81 -11.71 -23.97
C ASP B 105 31.35 -12.15 -23.97
N ALA B 106 30.45 -11.25 -23.55
CA ALA B 106 29.01 -11.53 -23.63
C ALA B 106 28.58 -11.71 -25.08
N ILE B 107 29.03 -10.79 -25.93
CA ILE B 107 28.72 -10.86 -27.35
C ILE B 107 29.33 -12.09 -28.00
N LEU B 108 30.57 -12.40 -27.65
CA LEU B 108 31.25 -13.56 -28.22
C LEU B 108 30.58 -14.89 -27.85
N PHE B 109 30.21 -15.04 -26.57
CA PHE B 109 29.51 -16.25 -26.13
C PHE B 109 28.23 -16.46 -26.94
N ALA B 110 27.47 -15.38 -27.12
CA ALA B 110 26.19 -15.45 -27.81
C ALA B 110 26.39 -15.81 -29.28
N TRP B 111 27.32 -15.12 -29.93
CA TRP B 111 27.63 -15.38 -31.35
C TRP B 111 28.12 -16.80 -31.55
N LEU B 112 28.98 -17.27 -30.64
CA LEU B 112 29.51 -18.64 -30.73
C LEU B 112 28.41 -19.69 -30.63
N LEU B 113 27.54 -19.56 -29.63
CA LEU B 113 26.45 -20.52 -29.47
C LEU B 113 25.52 -20.52 -30.69
N LEU B 114 25.20 -19.33 -31.19
CA LEU B 114 24.26 -19.21 -32.30
C LEU B 114 24.82 -19.70 -33.63
N THR B 115 26.09 -19.38 -33.90
CA THR B 115 26.62 -19.56 -35.27
C THR B 115 27.70 -20.61 -35.46
N SER B 116 28.28 -21.12 -34.37
CA SER B 116 29.36 -22.12 -34.51
C SER B 116 28.86 -23.43 -35.10
N GLU B 117 29.66 -24.02 -35.98
CA GLU B 117 29.34 -25.32 -36.57
C GLU B 117 29.21 -26.37 -35.46
N LYS B 118 29.89 -26.11 -34.33
CA LYS B 118 29.86 -27.00 -33.17
C LYS B 118 28.55 -26.89 -32.38
N TRP B 119 27.83 -25.77 -32.55
CA TRP B 119 26.64 -25.54 -31.76
C TRP B 119 25.39 -25.37 -32.61
N PHE B 120 24.73 -24.21 -32.51
CA PHE B 120 23.45 -24.03 -33.21
C PHE B 120 23.60 -23.87 -34.72
N ALA B 121 24.78 -23.42 -35.15
CA ALA B 121 25.14 -23.39 -36.57
C ALA B 121 24.14 -22.63 -37.43
N LEU B 122 23.63 -21.51 -36.91
CA LEU B 122 22.71 -20.68 -37.68
C LEU B 122 23.43 -19.96 -38.81
N PRO B 123 22.75 -19.76 -39.95
CA PRO B 123 23.35 -19.01 -41.05
C PRO B 123 23.66 -17.57 -40.64
N LYS B 124 24.94 -17.22 -40.60
CA LYS B 124 25.37 -15.89 -40.14
C LYS B 124 24.72 -14.76 -40.95
N GLU B 125 24.49 -15.01 -42.24
CA GLU B 125 23.96 -13.98 -43.14
C GLU B 125 22.52 -13.56 -42.83
N ARG B 126 21.81 -14.38 -42.06
CA ARG B 126 20.42 -14.09 -41.69
C ARG B 126 20.31 -13.40 -40.33
N LEU B 127 21.45 -13.17 -39.70
CA LEU B 127 21.47 -12.54 -38.39
C LEU B 127 21.76 -11.05 -38.47
N TRP B 128 20.92 -10.27 -37.79
CA TRP B 128 21.06 -8.82 -37.69
C TRP B 128 21.22 -8.45 -36.23
N VAL B 129 21.89 -7.34 -35.96
CA VAL B 129 22.05 -6.88 -34.58
C VAL B 129 21.65 -5.41 -34.43
N THR B 130 21.16 -5.06 -33.26
CA THR B 130 20.88 -3.66 -32.92
C THR B 130 21.72 -3.27 -31.71
N VAL B 131 22.13 -2.01 -31.67
CA VAL B 131 22.84 -1.49 -30.51
C VAL B 131 22.20 -0.17 -30.11
N TYR B 132 22.38 0.20 -28.84
CA TYR B 132 21.93 1.50 -28.37
C TYR B 132 22.77 2.55 -29.10
N GLU B 133 22.11 3.59 -29.59
CA GLU B 133 22.75 4.57 -30.47
C GLU B 133 24.08 5.11 -29.91
N SER B 134 24.12 5.36 -28.61
CA SER B 134 25.31 5.91 -27.96
C SER B 134 26.34 4.84 -27.59
N ASP B 135 26.00 3.57 -27.79
CA ASP B 135 26.91 2.48 -27.42
C ASP B 135 27.90 2.20 -28.54
N ASP B 136 28.91 3.07 -28.67
CA ASP B 136 29.92 2.93 -29.71
C ASP B 136 30.76 1.66 -29.51
N GLU B 137 30.94 1.26 -28.26
CA GLU B 137 31.71 0.06 -27.93
C GLU B 137 31.06 -1.19 -28.51
N ALA B 138 29.75 -1.34 -28.29
CA ALA B 138 29.01 -2.49 -28.82
C ALA B 138 29.04 -2.52 -30.34
N TYR B 139 28.89 -1.34 -30.96
CA TYR B 139 28.95 -1.25 -32.41
C TYR B 139 30.30 -1.78 -32.92
N GLU B 140 31.39 -1.29 -32.32
CA GLU B 140 32.75 -1.71 -32.69
C GLU B 140 32.94 -3.21 -32.53
N ILE B 141 32.44 -3.76 -31.42
CA ILE B 141 32.56 -5.20 -31.17
C ILE B 141 31.89 -6.01 -32.28
N TRP B 142 30.65 -5.66 -32.63
CA TRP B 142 29.95 -6.37 -33.69
C TRP B 142 30.67 -6.21 -35.04
N GLU B 143 31.06 -4.97 -35.35
CA GLU B 143 31.69 -4.68 -36.64
C GLU B 143 33.08 -5.30 -36.78
N LYS B 144 33.92 -5.10 -35.78
CA LYS B 144 35.33 -5.45 -35.91
C LYS B 144 35.76 -6.75 -35.23
N GLU B 145 35.16 -7.06 -34.08
CA GLU B 145 35.53 -8.28 -33.37
C GLU B 145 34.80 -9.50 -33.93
N VAL B 146 33.50 -9.34 -34.15
CA VAL B 146 32.68 -10.42 -34.69
C VAL B 146 32.73 -10.45 -36.21
N GLY B 147 32.58 -9.29 -36.83
CA GLY B 147 32.63 -9.17 -38.29
C GLY B 147 31.28 -9.15 -38.98
N ILE B 148 30.26 -8.64 -38.30
CA ILE B 148 28.97 -8.41 -38.93
C ILE B 148 29.11 -7.27 -39.94
N PRO B 149 28.68 -7.49 -41.18
CA PRO B 149 28.69 -6.38 -42.15
C PRO B 149 27.91 -5.18 -41.60
N ARG B 150 28.44 -3.99 -41.81
CA ARG B 150 27.87 -2.78 -41.22
C ARG B 150 26.39 -2.59 -41.57
N GLU B 151 25.98 -3.07 -42.74
CA GLU B 151 24.59 -2.90 -43.18
C GLU B 151 23.58 -3.69 -42.34
N ARG B 152 24.07 -4.63 -41.53
CA ARG B 152 23.20 -5.39 -40.63
C ARG B 152 23.42 -5.03 -39.16
N ILE B 153 24.12 -3.92 -38.92
CA ILE B 153 24.26 -3.36 -37.57
C ILE B 153 23.45 -2.08 -37.49
N ILE B 154 22.44 -2.08 -36.63
CA ILE B 154 21.47 -0.99 -36.58
C ILE B 154 21.54 -0.27 -35.24
N ARG B 155 21.72 1.05 -35.28
CA ARG B 155 21.72 1.86 -34.06
C ARG B 155 20.31 2.34 -33.75
N ILE B 156 19.87 2.06 -32.53
CA ILE B 156 18.53 2.47 -32.08
C ILE B 156 18.66 3.46 -30.91
N GLY B 157 18.01 4.61 -31.03
CA GLY B 157 18.03 5.61 -29.98
C GLY B 157 16.85 5.45 -29.04
N ASP B 158 16.46 6.54 -28.39
CA ASP B 158 15.29 6.50 -27.51
C ASP B 158 14.00 6.56 -28.33
N ASN B 159 13.71 5.46 -29.02
CA ASN B 159 12.62 5.41 -29.99
C ASN B 159 11.23 5.30 -29.38
N LYS B 160 11.16 5.21 -28.05
CA LYS B 160 9.88 5.12 -27.38
C LYS B 160 9.44 6.46 -26.77
N GLY B 161 10.14 7.53 -27.16
CA GLY B 161 9.66 8.89 -26.93
C GLY B 161 10.05 9.60 -25.65
N ALA B 162 10.99 9.02 -24.91
CA ALA B 162 11.44 9.62 -23.65
C ALA B 162 12.87 9.17 -23.35
N PRO B 163 13.59 9.94 -22.51
CA PRO B 163 14.95 9.56 -22.14
C PRO B 163 15.01 8.14 -21.59
N TYR B 164 15.84 7.30 -22.20
CA TYR B 164 16.00 5.89 -21.79
C TYR B 164 14.83 4.99 -22.17
N ALA B 165 13.82 5.55 -22.85
CA ALA B 165 12.71 4.75 -23.36
C ALA B 165 13.08 4.27 -24.75
N SER B 166 13.53 3.01 -24.84
CA SER B 166 14.14 2.50 -26.06
C SER B 166 14.11 0.98 -26.12
N ASP B 167 14.07 0.45 -27.33
CA ASP B 167 14.18 -0.99 -27.53
C ASP B 167 15.59 -1.47 -27.19
N ASN B 168 16.53 -0.52 -27.09
CA ASN B 168 17.91 -0.87 -26.76
C ASN B 168 18.40 -0.32 -25.42
N PHE B 169 17.44 -0.07 -24.53
CA PHE B 169 17.74 0.18 -23.12
C PHE B 169 16.73 -0.61 -22.32
N TRP B 170 17.19 -1.65 -21.63
CA TRP B 170 16.27 -2.56 -20.96
C TRP B 170 16.09 -2.25 -19.49
N GLN B 171 14.83 -2.21 -19.05
CA GLN B 171 14.50 -1.91 -17.66
C GLN B 171 13.66 -3.05 -17.10
N MET B 172 13.99 -3.47 -15.89
CA MET B 172 13.20 -4.50 -15.22
C MET B 172 11.80 -3.98 -14.91
N GLY B 173 11.75 -2.73 -14.47
CA GLY B 173 10.48 -2.08 -14.14
C GLY B 173 10.70 -0.59 -13.99
N ASP B 174 9.73 0.10 -13.41
CA ASP B 174 9.88 1.54 -13.16
C ASP B 174 11.07 1.80 -12.25
N THR B 175 11.38 0.82 -11.40
CA THR B 175 12.60 0.85 -10.60
C THR B 175 13.36 -0.46 -10.83
N GLY B 176 14.63 -0.48 -10.46
CA GLY B 176 15.42 -1.71 -10.57
C GLY B 176 16.56 -1.63 -11.57
N PRO B 177 17.39 -2.69 -11.61
CA PRO B 177 18.54 -2.76 -12.52
C PRO B 177 18.13 -2.56 -13.98
N CYS B 178 18.94 -1.81 -14.71
CA CYS B 178 18.68 -1.52 -16.11
C CYS B 178 19.98 -1.13 -16.81
N GLY B 179 19.94 -1.06 -18.14
CA GLY B 179 21.11 -0.62 -18.89
C GLY B 179 20.92 -0.73 -20.39
N PRO B 180 21.86 -0.16 -21.17
CA PRO B 180 21.85 -0.29 -22.62
C PRO B 180 21.98 -1.75 -22.98
N CYS B 181 21.40 -2.14 -24.11
CA CYS B 181 21.44 -3.53 -24.52
C CYS B 181 21.64 -3.66 -26.03
N THR B 182 22.07 -4.84 -26.44
CA THR B 182 22.24 -5.14 -27.85
C THR B 182 21.43 -6.40 -28.15
N GLU B 183 20.73 -6.39 -29.28
CA GLU B 183 19.82 -7.49 -29.60
C GLU B 183 20.17 -8.19 -30.91
N ILE B 184 19.93 -9.49 -30.94
CA ILE B 184 20.18 -10.30 -32.12
C ILE B 184 18.86 -10.72 -32.75
N PHE B 185 18.70 -10.43 -34.04
CA PHE B 185 17.49 -10.74 -34.80
C PHE B 185 17.80 -11.80 -35.87
N TYR B 186 16.79 -12.62 -36.17
CA TYR B 186 16.90 -13.61 -37.24
C TYR B 186 15.88 -13.34 -38.33
N ASP B 187 16.36 -13.27 -39.57
CA ASP B 187 15.48 -13.06 -40.73
C ASP B 187 14.85 -14.37 -41.18
N HIS B 188 13.54 -14.49 -40.99
CA HIS B 188 12.82 -15.70 -41.39
C HIS B 188 12.57 -15.81 -42.89
N GLY B 189 12.79 -14.73 -43.62
CA GLY B 189 12.71 -14.77 -45.08
C GLY B 189 11.50 -14.07 -45.68
N ASP B 190 11.51 -13.93 -47.00
CA ASP B 190 10.52 -13.12 -47.71
C ASP B 190 9.11 -13.73 -47.83
N HIS B 191 8.91 -14.93 -47.28
CA HIS B 191 7.55 -15.47 -47.25
CA HIS B 191 7.57 -15.53 -47.20
C HIS B 191 6.76 -14.88 -46.09
N ILE B 192 7.46 -14.14 -45.22
CA ILE B 192 6.84 -13.47 -44.09
C ILE B 192 6.89 -11.96 -44.26
N TRP B 193 5.79 -11.29 -43.92
CA TRP B 193 5.73 -9.84 -43.99
C TRP B 193 6.56 -9.19 -42.89
N GLY B 194 7.24 -8.09 -43.22
CA GLY B 194 7.99 -7.34 -42.22
C GLY B 194 9.33 -6.84 -42.70
N GLY B 195 9.83 -5.79 -42.04
CA GLY B 195 11.14 -5.23 -42.34
C GLY B 195 12.06 -5.37 -41.14
N PRO B 196 13.35 -5.04 -41.33
CA PRO B 196 14.32 -5.18 -40.24
C PRO B 196 14.09 -4.16 -39.13
N PRO B 197 14.71 -4.37 -37.96
CA PRO B 197 14.55 -3.40 -36.88
C PRO B 197 14.97 -1.99 -37.31
N GLY B 198 14.28 -0.98 -36.82
CA GLY B 198 14.55 0.40 -37.21
C GLY B 198 13.75 0.84 -38.42
N SER B 199 13.22 -0.12 -39.15
CA SER B 199 12.46 0.17 -40.37
C SER B 199 10.98 0.34 -40.07
N PRO B 200 10.22 0.94 -41.01
CA PRO B 200 8.77 1.10 -40.88
C PRO B 200 8.04 -0.21 -40.63
N GLU B 201 8.51 -1.30 -41.23
CA GLU B 201 7.85 -2.59 -41.09
C GLU B 201 8.49 -3.47 -40.01
N GLU B 202 9.20 -2.85 -39.07
CA GLU B 202 9.94 -3.59 -38.05
C GLU B 202 9.05 -4.47 -37.17
N ASP B 203 7.79 -4.08 -37.01
CA ASP B 203 6.88 -4.80 -36.13
C ASP B 203 6.39 -6.13 -36.71
N GLY B 204 6.76 -6.40 -37.96
CA GLY B 204 6.39 -7.67 -38.61
C GLY B 204 7.09 -8.87 -37.98
N ASP B 205 6.60 -10.07 -38.30
CA ASP B 205 7.16 -11.31 -37.76
C ASP B 205 8.31 -11.87 -38.62
N ARG B 206 8.75 -11.11 -39.61
CA ARG B 206 9.84 -11.60 -40.47
C ARG B 206 11.19 -11.60 -39.75
N TYR B 207 11.59 -10.44 -39.25
CA TYR B 207 12.84 -10.31 -38.53
C TYR B 207 12.57 -10.41 -37.03
N ILE B 208 12.80 -11.59 -36.46
CA ILE B 208 12.43 -11.88 -35.08
C ILE B 208 13.55 -11.60 -34.08
N GLU B 209 13.22 -10.84 -33.03
CA GLU B 209 14.12 -10.60 -31.92
C GLU B 209 14.33 -11.90 -31.13
N ILE B 210 15.52 -12.48 -31.21
CA ILE B 210 15.82 -13.76 -30.59
CA ILE B 210 15.76 -13.75 -30.56
C ILE B 210 16.51 -13.62 -29.23
N TRP B 211 17.53 -12.77 -29.17
CA TRP B 211 18.38 -12.71 -27.98
C TRP B 211 18.74 -11.28 -27.59
N ASN B 212 18.38 -10.89 -26.37
CA ASN B 212 18.74 -9.58 -25.83
C ASN B 212 19.91 -9.70 -24.86
N ILE B 213 20.92 -8.88 -25.06
CA ILE B 213 22.10 -8.86 -24.19
C ILE B 213 22.18 -7.51 -23.49
N VAL B 214 21.88 -7.50 -22.19
CA VAL B 214 21.79 -6.25 -21.44
C VAL B 214 23.07 -5.97 -20.67
N PHE B 215 23.62 -4.78 -20.87
CA PHE B 215 24.76 -4.34 -20.10
C PHE B 215 24.28 -3.53 -18.89
N MET B 216 24.04 -4.26 -17.79
CA MET B 216 23.50 -3.68 -16.57
C MET B 216 24.43 -2.62 -15.99
N GLN B 217 23.93 -1.40 -15.87
CA GLN B 217 24.74 -0.25 -15.47
C GLN B 217 24.12 0.58 -14.35
N PHE B 218 22.79 0.62 -14.28
CA PHE B 218 22.10 1.49 -13.33
C PHE B 218 21.01 0.80 -12.53
N ASN B 219 20.64 1.44 -11.43
CA ASN B 219 19.39 1.14 -10.72
C ASN B 219 18.47 2.35 -10.89
N ARG B 220 17.35 2.14 -11.57
CA ARG B 220 16.41 3.23 -11.81
C ARG B 220 15.57 3.54 -10.57
N GLN B 221 15.40 4.82 -10.30
CA GLN B 221 14.57 5.29 -9.19
C GLN B 221 13.15 5.61 -9.67
N ALA B 222 12.24 5.77 -8.72
CA ALA B 222 10.85 6.09 -9.03
C ALA B 222 10.72 7.45 -9.72
N ASP B 223 11.59 8.38 -9.36
CA ASP B 223 11.60 9.71 -9.98
C ASP B 223 12.16 9.66 -11.40
N GLY B 224 12.75 8.53 -11.75
CA GLY B 224 13.29 8.32 -13.08
C GLY B 224 14.79 8.49 -13.17
N THR B 225 15.41 8.83 -12.04
CA THR B 225 16.87 9.02 -12.01
C THR B 225 17.62 7.69 -12.03
N MET B 226 18.81 7.72 -12.61
CA MET B 226 19.64 6.53 -12.77
C MET B 226 20.83 6.55 -11.82
N GLU B 227 20.85 5.62 -10.87
CA GLU B 227 22.00 5.46 -9.99
C GLU B 227 22.85 4.28 -10.47
N PRO B 228 24.17 4.50 -10.60
CA PRO B 228 25.08 3.46 -11.08
C PRO B 228 25.09 2.22 -10.17
N LEU B 229 25.11 1.04 -10.79
CA LEU B 229 25.33 -0.20 -10.06
C LEU B 229 26.80 -0.27 -9.66
N PRO B 230 27.10 -0.95 -8.55
CA PRO B 230 28.48 -1.06 -8.05
C PRO B 230 29.43 -1.66 -9.08
N LYS B 231 28.95 -2.69 -9.79
CA LYS B 231 29.76 -3.35 -10.80
C LYS B 231 28.97 -3.54 -12.08
N PRO B 232 29.48 -2.99 -13.20
CA PRO B 232 28.84 -3.23 -14.50
C PRO B 232 28.73 -4.74 -14.71
N SER B 233 27.55 -5.18 -15.13
CA SER B 233 27.27 -6.62 -15.19
C SER B 233 26.50 -6.97 -16.47
N VAL B 234 26.26 -8.26 -16.67
CA VAL B 234 25.59 -8.72 -17.89
C VAL B 234 24.33 -9.54 -17.58
N ASP B 235 23.24 -9.18 -18.25
CA ASP B 235 21.97 -9.91 -18.19
C ASP B 235 21.54 -10.25 -19.62
N THR B 236 21.63 -11.52 -20.00
CA THR B 236 21.18 -11.91 -21.34
C THR B 236 19.90 -12.73 -21.28
N ALA B 237 19.16 -12.73 -22.39
CA ALA B 237 17.80 -13.24 -22.38
C ALA B 237 17.33 -13.60 -23.79
N MET B 238 17.17 -14.90 -24.04
CA MET B 238 16.72 -15.41 -25.33
C MET B 238 15.41 -16.19 -25.19
N GLY B 239 14.43 -15.90 -26.05
CA GLY B 239 13.16 -16.60 -26.05
C GLY B 239 13.33 -18.03 -26.54
N LEU B 240 13.08 -18.99 -25.66
CA LEU B 240 13.22 -20.40 -26.01
C LEU B 240 12.35 -20.77 -27.21
N GLU B 241 11.10 -20.34 -27.18
CA GLU B 241 10.16 -20.66 -28.26
C GLU B 241 10.59 -20.05 -29.59
N ARG B 242 11.14 -18.85 -29.54
CA ARG B 242 11.60 -18.16 -30.75
C ARG B 242 12.82 -18.83 -31.38
N ILE B 243 13.80 -19.21 -30.57
CA ILE B 243 14.98 -19.90 -31.09
C ILE B 243 14.61 -21.33 -31.54
N ALA B 244 13.66 -21.94 -30.84
CA ALA B 244 13.16 -23.25 -31.25
C ALA B 244 12.56 -23.21 -32.65
N ALA B 245 11.79 -22.15 -32.92
CA ALA B 245 11.21 -21.96 -34.25
C ALA B 245 12.30 -21.89 -35.32
N VAL B 246 13.33 -21.11 -35.06
CA VAL B 246 14.46 -21.00 -35.99
C VAL B 246 15.12 -22.38 -36.22
N LEU B 247 15.43 -23.07 -35.15
CA LEU B 247 16.13 -24.35 -35.21
C LEU B 247 15.30 -25.48 -35.82
N GLN B 248 13.98 -25.41 -35.66
CA GLN B 248 13.08 -26.43 -36.20
C GLN B 248 12.57 -26.06 -37.59
N HIS B 249 13.12 -24.98 -38.15
CA HIS B 249 12.83 -24.56 -39.53
C HIS B 249 11.38 -24.20 -39.77
N VAL B 250 10.77 -23.55 -38.78
CA VAL B 250 9.41 -23.04 -38.92
C VAL B 250 9.44 -21.54 -38.66
N ASN B 251 8.34 -20.86 -38.93
CA ASN B 251 8.31 -19.42 -38.80
C ASN B 251 7.61 -18.91 -37.53
N SER B 252 6.56 -19.62 -37.11
CA SER B 252 5.79 -19.23 -35.93
C SER B 252 6.20 -20.02 -34.70
N ASN B 253 6.20 -19.37 -33.54
CA ASN B 253 6.39 -20.06 -32.27
C ASN B 253 5.40 -21.21 -32.12
N TYR B 254 4.21 -21.02 -32.67
CA TYR B 254 3.13 -21.99 -32.51
C TYR B 254 3.29 -23.20 -33.42
N ASP B 255 4.33 -23.17 -34.25
CA ASP B 255 4.65 -24.31 -35.11
C ASP B 255 5.77 -25.20 -34.56
N ILE B 256 6.31 -24.85 -33.40
CA ILE B 256 7.32 -25.71 -32.78
C ILE B 256 6.66 -26.96 -32.21
N ASP B 257 7.46 -28.00 -31.97
CA ASP B 257 6.94 -29.28 -31.50
C ASP B 257 6.03 -29.14 -30.28
N LEU B 258 6.46 -28.33 -29.32
CA LEU B 258 5.69 -28.09 -28.10
C LEU B 258 4.27 -27.61 -28.40
N PHE B 259 4.15 -26.56 -29.20
CA PHE B 259 2.84 -25.97 -29.48
C PHE B 259 2.00 -26.78 -30.47
N ARG B 260 2.65 -27.47 -31.40
CA ARG B 260 1.92 -28.33 -32.34
C ARG B 260 1.15 -29.40 -31.57
N THR B 261 1.83 -30.04 -30.61
CA THR B 261 1.22 -31.08 -29.78
C THR B 261 0.13 -30.50 -28.88
N LEU B 262 0.40 -29.34 -28.30
CA LEU B 262 -0.55 -28.70 -27.40
C LEU B 262 -1.81 -28.24 -28.14
N ILE B 263 -1.63 -27.66 -29.33
CA ILE B 263 -2.76 -27.20 -30.14
C ILE B 263 -3.66 -28.38 -30.55
N GLN B 264 -3.06 -29.54 -30.82
CA GLN B 264 -3.81 -30.75 -31.10
C GLN B 264 -4.74 -31.10 -29.93
N ALA B 265 -4.20 -31.00 -28.72
CA ALA B 265 -4.96 -31.28 -27.51
C ALA B 265 -6.12 -30.30 -27.33
N VAL B 266 -5.88 -29.04 -27.65
CA VAL B 266 -6.92 -28.02 -27.59
C VAL B 266 -8.06 -28.33 -28.57
N ALA B 267 -7.69 -28.68 -29.80
CA ALA B 267 -8.68 -29.06 -30.81
C ALA B 267 -9.50 -30.26 -30.34
N LYS B 268 -8.83 -31.21 -29.72
CA LYS B 268 -9.46 -32.42 -29.22
C LYS B 268 -10.52 -32.11 -28.15
N VAL B 269 -10.18 -31.28 -27.18
CA VAL B 269 -11.09 -31.02 -26.06
C VAL B 269 -12.19 -30.00 -26.38
N THR B 270 -11.96 -29.16 -27.39
CA THR B 270 -12.96 -28.17 -27.79
C THR B 270 -13.84 -28.71 -28.91
N GLY B 271 -13.35 -29.71 -29.63
CA GLY B 271 -14.07 -30.26 -30.76
C GLY B 271 -13.84 -29.47 -32.04
N ALA B 272 -12.86 -28.57 -32.01
CA ALA B 272 -12.49 -27.81 -33.20
C ALA B 272 -11.74 -28.70 -34.17
N THR B 273 -11.89 -28.43 -35.47
CA THR B 273 -11.22 -29.23 -36.50
C THR B 273 -10.23 -28.42 -37.33
N ASP B 274 -10.42 -27.10 -37.36
CA ASP B 274 -9.56 -26.23 -38.12
C ASP B 274 -8.35 -25.83 -37.27
N LEU B 275 -7.24 -26.53 -37.47
CA LEU B 275 -6.06 -26.34 -36.64
C LEU B 275 -5.40 -24.97 -36.87
N SER B 276 -5.95 -24.20 -37.80
CA SER B 276 -5.40 -22.87 -38.11
C SER B 276 -6.09 -21.72 -37.38
N ASN B 277 -7.26 -21.98 -36.77
CA ASN B 277 -8.01 -20.93 -36.09
C ASN B 277 -7.23 -20.34 -34.92
N LYS B 278 -7.21 -19.01 -34.83
CA LYS B 278 -6.35 -18.33 -33.87
C LYS B 278 -6.72 -18.60 -32.41
N SER B 279 -7.98 -18.97 -32.18
CA SER B 279 -8.45 -19.28 -30.82
C SER B 279 -7.74 -20.50 -30.23
N LEU B 280 -7.34 -21.44 -31.08
CA LEU B 280 -6.58 -22.60 -30.64
C LEU B 280 -5.22 -22.17 -30.09
N ARG B 281 -4.61 -21.20 -30.75
CA ARG B 281 -3.32 -20.66 -30.32
C ARG B 281 -3.46 -19.87 -29.02
N VAL B 282 -4.53 -19.09 -28.91
CA VAL B 282 -4.80 -18.32 -27.70
C VAL B 282 -4.97 -19.24 -26.49
N ILE B 283 -5.77 -20.29 -26.64
CA ILE B 283 -6.02 -21.24 -25.56
C ILE B 283 -4.74 -22.00 -25.17
N ALA B 284 -3.97 -22.41 -26.18
CA ALA B 284 -2.70 -23.09 -25.93
C ALA B 284 -1.75 -22.22 -25.13
N ASP B 285 -1.70 -20.94 -25.47
CA ASP B 285 -0.91 -19.97 -24.70
C ASP B 285 -1.45 -19.83 -23.28
N HIS B 286 -2.76 -19.68 -23.17
CA HIS B 286 -3.41 -19.37 -21.90
C HIS B 286 -3.32 -20.50 -20.87
N ILE B 287 -3.38 -21.76 -21.33
CA ILE B 287 -3.22 -22.86 -20.39
C ILE B 287 -1.82 -22.84 -19.74
N ARG B 288 -0.81 -22.44 -20.51
CA ARG B 288 0.55 -22.35 -19.97
C ARG B 288 0.64 -21.33 -18.82
N SER B 289 0.18 -20.10 -19.06
CA SER B 289 0.21 -19.08 -18.03
C SER B 289 -0.69 -19.45 -16.84
N CYS B 290 -1.91 -19.88 -17.11
CA CYS B 290 -2.86 -20.19 -16.03
C CYS B 290 -2.39 -21.35 -15.16
N ALA B 291 -2.00 -22.47 -15.79
CA ALA B 291 -1.60 -23.66 -15.04
C ALA B 291 -0.34 -23.42 -14.19
N PHE B 292 0.67 -22.79 -14.79
CA PHE B 292 1.91 -22.51 -14.06
C PHE B 292 1.71 -21.49 -12.94
N LEU B 293 0.88 -20.48 -13.17
CA LEU B 293 0.60 -19.49 -12.13
C LEU B 293 -0.06 -20.16 -10.92
N ILE B 294 -1.00 -21.06 -11.17
CA ILE B 294 -1.65 -21.80 -10.08
C ILE B 294 -0.67 -22.71 -9.37
N ALA B 295 0.19 -23.37 -10.15
CA ALA B 295 1.23 -24.23 -9.56
C ALA B 295 2.15 -23.42 -8.66
N ASP B 296 2.40 -22.16 -9.03
CA ASP B 296 3.26 -21.28 -8.25
C ASP B 296 2.53 -20.51 -7.14
N GLY B 297 1.27 -20.87 -6.90
CA GLY B 297 0.56 -20.36 -5.73
C GLY B 297 -0.55 -19.34 -5.93
N VAL B 298 -0.79 -18.93 -7.17
CA VAL B 298 -1.85 -17.95 -7.43
C VAL B 298 -3.22 -18.61 -7.43
N MET B 299 -4.17 -18.01 -6.72
CA MET B 299 -5.55 -18.46 -6.72
C MET B 299 -6.44 -17.38 -7.33
N PRO B 300 -7.42 -17.79 -8.17
CA PRO B 300 -8.28 -16.81 -8.81
C PRO B 300 -9.01 -15.96 -7.77
N SER B 301 -9.10 -14.66 -8.03
CA SER B 301 -9.75 -13.73 -7.12
C SER B 301 -10.15 -12.49 -7.89
N ASN B 302 -10.68 -11.51 -7.18
CA ASN B 302 -11.03 -10.25 -7.82
C ASN B 302 -10.06 -9.13 -7.49
N GLU B 303 -8.86 -9.48 -7.02
CA GLU B 303 -7.85 -8.48 -6.67
CA GLU B 303 -7.85 -8.47 -6.70
C GLU B 303 -6.45 -8.91 -7.13
N ASN B 304 -5.63 -7.93 -7.51
CA ASN B 304 -4.21 -8.15 -7.74
C ASN B 304 -3.86 -9.38 -8.57
N ARG B 305 -2.95 -10.23 -8.10
CA ARG B 305 -2.51 -11.37 -8.89
C ARG B 305 -3.66 -12.30 -9.24
N GLY B 306 -4.53 -12.54 -8.28
CA GLY B 306 -5.66 -13.44 -8.49
C GLY B 306 -6.57 -13.00 -9.61
N TYR B 307 -6.70 -11.70 -9.81
CA TYR B 307 -7.58 -11.17 -10.85
C TYR B 307 -6.94 -11.28 -12.23
N VAL B 308 -5.63 -11.08 -12.32
CA VAL B 308 -4.94 -11.30 -13.60
C VAL B 308 -5.15 -12.75 -14.03
N LEU B 309 -4.97 -13.68 -13.11
CA LEU B 309 -5.22 -15.10 -13.39
C LEU B 309 -6.67 -15.34 -13.82
N ARG B 310 -7.61 -14.79 -13.05
CA ARG B 310 -9.03 -14.93 -13.37
C ARG B 310 -9.33 -14.41 -14.77
N ARG B 311 -8.75 -13.25 -15.10
CA ARG B 311 -8.96 -12.64 -16.42
CA ARG B 311 -8.95 -12.64 -16.41
C ARG B 311 -8.47 -13.55 -17.55
N ILE B 312 -7.29 -14.13 -17.39
CA ILE B 312 -6.75 -15.01 -18.44
C ILE B 312 -7.56 -16.31 -18.57
N ILE B 313 -7.92 -16.91 -17.44
CA ILE B 313 -8.75 -18.11 -17.47
C ILE B 313 -10.06 -17.83 -18.20
N ARG B 314 -10.74 -16.76 -17.82
CA ARG B 314 -12.05 -16.44 -18.40
C ARG B 314 -11.96 -16.12 -19.90
N ARG B 315 -10.89 -15.44 -20.30
CA ARG B 315 -10.66 -15.19 -21.72
C ARG B 315 -10.42 -16.49 -22.49
N ALA B 316 -9.71 -17.42 -21.88
CA ALA B 316 -9.50 -18.74 -22.50
C ALA B 316 -10.81 -19.51 -22.66
N VAL B 317 -11.62 -19.50 -21.61
CA VAL B 317 -12.93 -20.18 -21.66
C VAL B 317 -13.80 -19.57 -22.75
N ARG B 318 -13.77 -18.24 -22.86
CA ARG B 318 -14.52 -17.53 -23.90
C ARG B 318 -14.10 -18.00 -25.30
N HIS B 319 -12.80 -18.09 -25.53
CA HIS B 319 -12.29 -18.58 -26.81
C HIS B 319 -12.74 -20.03 -27.08
N GLY B 320 -12.79 -20.83 -26.02
CA GLY B 320 -13.33 -22.18 -26.14
C GLY B 320 -14.78 -22.18 -26.57
N ASN B 321 -15.54 -21.22 -26.03
CA ASN B 321 -16.94 -21.03 -26.41
C ASN B 321 -17.07 -20.70 -27.91
N MET B 322 -16.21 -19.82 -28.39
CA MET B 322 -16.22 -19.43 -29.80
C MET B 322 -15.94 -20.63 -30.70
N LEU B 323 -15.10 -21.55 -30.24
CA LEU B 323 -14.76 -22.74 -31.01
C LEU B 323 -15.85 -23.82 -30.92
N GLY B 324 -16.79 -23.62 -30.00
CA GLY B 324 -17.94 -24.51 -29.87
C GLY B 324 -17.81 -25.60 -28.82
N ALA B 325 -16.98 -25.36 -27.81
CA ALA B 325 -16.84 -26.32 -26.71
C ALA B 325 -18.19 -26.52 -26.03
N LYS B 326 -18.63 -27.78 -25.93
CA LYS B 326 -19.94 -28.09 -25.36
C LYS B 326 -19.86 -28.46 -23.89
N GLU B 327 -18.66 -28.68 -23.39
CA GLU B 327 -18.47 -29.08 -22.01
C GLU B 327 -17.23 -28.44 -21.41
N THR B 328 -17.16 -28.42 -20.09
CA THR B 328 -16.01 -27.86 -19.38
C THR B 328 -14.76 -28.49 -19.96
N PHE B 329 -13.80 -27.66 -20.39
CA PHE B 329 -12.66 -28.18 -21.16
C PHE B 329 -11.26 -27.76 -20.68
N PHE B 330 -11.15 -26.57 -20.09
CA PHE B 330 -9.83 -25.95 -19.90
C PHE B 330 -8.91 -26.79 -19.02
N TYR B 331 -9.45 -27.34 -17.93
CA TYR B 331 -8.64 -28.15 -17.01
C TYR B 331 -8.11 -29.42 -17.66
N LYS B 332 -8.74 -29.86 -18.75
CA LYS B 332 -8.33 -31.09 -19.44
C LYS B 332 -6.99 -30.92 -20.16
N LEU B 333 -6.52 -29.68 -20.24
CA LEU B 333 -5.30 -29.38 -20.97
C LEU B 333 -4.04 -29.40 -20.08
N VAL B 334 -4.24 -29.53 -18.78
CA VAL B 334 -3.12 -29.60 -17.83
C VAL B 334 -2.24 -30.82 -18.10
N GLY B 335 -2.86 -31.98 -18.29
CA GLY B 335 -2.14 -33.21 -18.62
C GLY B 335 -1.28 -33.08 -19.86
N PRO B 336 -1.90 -32.77 -21.00
CA PRO B 336 -1.19 -32.49 -22.24
C PRO B 336 -0.05 -31.45 -22.07
N LEU B 337 -0.28 -30.43 -21.25
CA LEU B 337 0.75 -29.42 -21.02
C LEU B 337 1.96 -30.01 -20.30
N ILE B 338 1.71 -30.79 -19.25
CA ILE B 338 2.79 -31.46 -18.53
C ILE B 338 3.61 -32.32 -19.49
N ASP B 339 2.92 -32.98 -20.42
CA ASP B 339 3.55 -33.89 -21.38
C ASP B 339 4.49 -33.23 -22.39
N VAL B 340 4.32 -31.93 -22.62
CA VAL B 340 5.18 -31.22 -23.57
C VAL B 340 6.25 -30.33 -22.93
N MET B 341 6.17 -30.17 -21.61
CA MET B 341 7.05 -29.22 -20.91
C MET B 341 8.36 -29.81 -20.40
N GLY B 342 8.47 -31.14 -20.44
CA GLY B 342 9.68 -31.81 -19.96
C GLY B 342 10.01 -31.48 -18.52
N SER B 343 11.29 -31.28 -18.23
CA SER B 343 11.73 -30.96 -16.87
C SER B 343 11.23 -29.60 -16.39
N ALA B 344 10.90 -28.72 -17.33
CA ALA B 344 10.41 -27.38 -16.99
C ALA B 344 8.99 -27.41 -16.42
N GLY B 345 8.34 -28.57 -16.47
CA GLY B 345 6.99 -28.72 -15.94
C GLY B 345 6.91 -29.45 -14.61
N GLU B 346 8.07 -29.71 -14.00
CA GLU B 346 8.15 -30.43 -12.72
C GLU B 346 7.17 -29.93 -11.65
N ASP B 347 7.16 -28.61 -11.44
CA ASP B 347 6.32 -28.02 -10.38
C ASP B 347 4.83 -28.15 -10.71
N LEU B 348 4.51 -28.14 -11.99
CA LEU B 348 3.13 -28.32 -12.44
C LEU B 348 2.69 -29.77 -12.26
N LYS B 349 3.57 -30.71 -12.66
CA LYS B 349 3.27 -32.13 -12.55
C LYS B 349 3.05 -32.52 -11.09
N ARG B 350 3.89 -31.97 -10.21
CA ARG B 350 3.78 -32.21 -8.78
C ARG B 350 2.39 -31.84 -8.25
N GLN B 351 1.79 -30.81 -8.83
CA GLN B 351 0.50 -30.31 -8.36
C GLN B 351 -0.61 -30.45 -9.37
N GLN B 352 -0.51 -31.46 -10.24
CA GLN B 352 -1.47 -31.64 -11.32
C GLN B 352 -2.93 -31.60 -10.88
N ALA B 353 -3.28 -32.44 -9.90
CA ALA B 353 -4.67 -32.54 -9.43
C ALA B 353 -5.21 -31.22 -8.90
N GLN B 354 -4.41 -30.53 -8.08
CA GLN B 354 -4.83 -29.25 -7.51
C GLN B 354 -5.08 -28.21 -8.60
N VAL B 355 -4.15 -28.11 -9.54
CA VAL B 355 -4.28 -27.16 -10.65
C VAL B 355 -5.53 -27.46 -11.49
N GLU B 356 -5.74 -28.75 -11.78
CA GLU B 356 -6.92 -29.17 -12.53
C GLU B 356 -8.21 -28.75 -11.83
N GLN B 357 -8.28 -28.95 -10.52
CA GLN B 357 -9.48 -28.59 -9.78
C GLN B 357 -9.73 -27.09 -9.75
N VAL B 358 -8.68 -26.30 -9.56
CA VAL B 358 -8.82 -24.85 -9.57
C VAL B 358 -9.37 -24.35 -10.91
N LEU B 359 -8.82 -24.87 -12.00
CA LEU B 359 -9.27 -24.47 -13.34
C LEU B 359 -10.70 -24.94 -13.63
N LYS B 360 -11.02 -26.15 -13.18
CA LYS B 360 -12.36 -26.70 -13.37
C LYS B 360 -13.40 -25.85 -12.65
N THR B 361 -13.12 -25.55 -11.38
CA THR B 361 -14.02 -24.74 -10.57
C THR B 361 -14.23 -23.35 -11.17
N GLU B 362 -13.15 -22.71 -11.60
CA GLU B 362 -13.22 -21.38 -12.18
C GLU B 362 -14.04 -21.35 -13.48
N GLU B 363 -13.85 -22.36 -14.33
CA GLU B 363 -14.60 -22.43 -15.59
C GLU B 363 -16.10 -22.67 -15.31
N GLU B 364 -16.39 -23.58 -14.40
CA GLU B 364 -17.77 -23.87 -14.01
C GLU B 364 -18.45 -22.63 -13.43
N GLN B 365 -17.73 -21.91 -12.58
CA GLN B 365 -18.21 -20.66 -12.00
C GLN B 365 -18.55 -19.64 -13.07
N PHE B 366 -17.65 -19.47 -14.04
CA PHE B 366 -17.86 -18.49 -15.10
C PHE B 366 -18.98 -18.91 -16.06
N ALA B 367 -19.14 -20.22 -16.23
CA ALA B 367 -20.19 -20.75 -17.11
C ALA B 367 -21.59 -20.35 -16.64
N ARG B 368 -21.71 -19.99 -15.36
CA ARG B 368 -22.99 -19.55 -14.81
C ARG B 368 -23.49 -18.26 -15.47
N THR B 369 -22.59 -17.51 -16.09
CA THR B 369 -22.94 -16.23 -16.72
C THR B 369 -22.41 -16.04 -18.14
N LEU B 370 -21.49 -16.90 -18.58
CA LEU B 370 -20.82 -16.69 -19.87
C LEU B 370 -21.77 -16.56 -21.06
N GLU B 371 -22.56 -17.59 -21.33
CA GLU B 371 -23.44 -17.57 -22.49
C GLU B 371 -24.49 -16.47 -22.39
N ARG B 372 -25.03 -16.27 -21.20
CA ARG B 372 -26.00 -15.20 -20.98
C ARG B 372 -25.41 -13.83 -21.26
N GLY B 373 -24.16 -13.62 -20.83
CA GLY B 373 -23.46 -12.36 -21.07
C GLY B 373 -23.14 -12.15 -22.54
N LEU B 374 -22.73 -13.23 -23.22
CA LEU B 374 -22.44 -13.16 -24.64
C LEU B 374 -23.72 -12.86 -25.42
N ALA B 375 -24.84 -13.43 -24.96
CA ALA B 375 -26.14 -13.15 -25.56
C ALA B 375 -26.48 -11.67 -25.46
N LEU B 376 -26.28 -11.09 -24.28
CA LEU B 376 -26.50 -9.66 -24.08
C LEU B 376 -25.58 -8.82 -24.95
N LEU B 377 -24.31 -9.18 -25.00
CA LEU B 377 -23.33 -8.45 -25.80
C LEU B 377 -23.69 -8.48 -27.29
N ASP B 378 -24.11 -9.64 -27.78
CA ASP B 378 -24.58 -9.76 -29.16
C ASP B 378 -25.78 -8.84 -29.40
N GLU B 379 -26.74 -8.91 -28.47
CA GLU B 379 -27.93 -8.08 -28.54
CA GLU B 379 -27.94 -8.05 -28.48
C GLU B 379 -27.57 -6.59 -28.63
N GLU B 380 -26.60 -6.16 -27.84
CA GLU B 380 -26.17 -4.76 -27.82
C GLU B 380 -25.36 -4.35 -29.05
N LEU B 381 -24.54 -5.26 -29.56
CA LEU B 381 -23.73 -4.99 -30.75
C LEU B 381 -24.59 -4.96 -32.01
N ALA B 382 -25.66 -5.75 -32.01
CA ALA B 382 -26.56 -5.83 -33.15
C ALA B 382 -27.28 -4.51 -33.40
N LYS B 383 -27.57 -3.78 -32.33
CA LYS B 383 -28.28 -2.50 -32.45
C LYS B 383 -27.33 -1.32 -32.24
N LEU B 384 -26.05 -1.61 -32.10
CA LEU B 384 -25.05 -0.56 -31.89
C LEU B 384 -24.83 0.26 -33.16
N SER B 385 -24.89 1.57 -33.02
CA SER B 385 -24.58 2.49 -34.11
C SER B 385 -23.22 3.11 -33.85
N GLY B 386 -22.27 2.82 -34.74
CA GLY B 386 -20.90 3.30 -34.55
C GLY B 386 -19.92 2.18 -34.28
N ASP B 387 -18.67 2.54 -33.99
CA ASP B 387 -17.60 1.56 -33.86
C ASP B 387 -17.15 1.35 -32.41
N THR B 388 -17.94 1.83 -31.45
CA THR B 388 -17.55 1.77 -30.05
C THR B 388 -18.70 1.34 -29.14
N LEU B 389 -18.47 0.28 -28.36
CA LEU B 389 -19.41 -0.14 -27.35
C LEU B 389 -19.40 0.86 -26.20
N ASP B 390 -20.59 1.25 -25.74
CA ASP B 390 -20.71 2.24 -24.67
C ASP B 390 -20.20 1.67 -23.34
N GLY B 391 -19.71 2.56 -22.48
CA GLY B 391 -19.16 2.18 -21.19
C GLY B 391 -20.17 1.56 -20.24
N GLU B 392 -21.43 1.98 -20.35
CA GLU B 392 -22.47 1.44 -19.48
C GLU B 392 -22.69 -0.04 -19.73
N THR B 393 -22.68 -0.44 -21.00
CA THR B 393 -22.86 -1.84 -21.37
C THR B 393 -21.66 -2.68 -20.92
N ALA B 394 -20.46 -2.15 -21.15
CA ALA B 394 -19.24 -2.82 -20.69
C ALA B 394 -19.28 -3.00 -19.18
N PHE B 395 -19.76 -1.97 -18.48
CA PHE B 395 -19.87 -2.04 -17.03
C PHE B 395 -20.93 -3.03 -16.58
N ARG B 396 -22.04 -3.11 -17.31
CA ARG B 396 -23.10 -4.06 -16.98
C ARG B 396 -22.60 -5.49 -17.14
N LEU B 397 -21.84 -5.74 -18.21
CA LEU B 397 -21.26 -7.07 -18.41
C LEU B 397 -20.29 -7.42 -17.27
N TYR B 398 -19.57 -6.41 -16.79
CA TYR B 398 -18.65 -6.58 -15.68
C TYR B 398 -19.41 -6.86 -14.38
N ASP B 399 -20.36 -5.98 -14.06
CA ASP B 399 -21.03 -6.04 -12.77
C ASP B 399 -22.03 -7.19 -12.64
N THR B 400 -22.78 -7.47 -13.70
CA THR B 400 -23.79 -8.52 -13.66
C THR B 400 -23.23 -9.89 -14.06
N TYR B 401 -22.40 -9.92 -15.10
CA TYR B 401 -21.97 -11.18 -15.71
C TYR B 401 -20.52 -11.59 -15.40
N GLY B 402 -19.79 -10.72 -14.70
CA GLY B 402 -18.41 -11.03 -14.33
C GLY B 402 -17.44 -11.01 -15.51
N PHE B 403 -17.76 -10.19 -16.51
CA PHE B 403 -16.89 -9.99 -17.68
C PHE B 403 -15.87 -8.89 -17.39
N PRO B 404 -14.58 -9.26 -17.25
CA PRO B 404 -13.58 -8.19 -17.17
C PRO B 404 -13.64 -7.34 -18.44
N VAL B 405 -13.34 -6.05 -18.32
CA VAL B 405 -13.50 -5.14 -19.45
C VAL B 405 -12.62 -5.55 -20.65
N ASP B 406 -11.46 -6.14 -20.37
CA ASP B 406 -10.58 -6.59 -21.44
C ASP B 406 -11.09 -7.85 -22.13
N LEU B 407 -11.89 -8.65 -21.43
CA LEU B 407 -12.55 -9.80 -22.04
C LEU B 407 -13.60 -9.31 -23.02
N THR B 408 -14.39 -8.31 -22.59
CA THR B 408 -15.38 -7.68 -23.45
C THR B 408 -14.72 -7.03 -24.67
N ALA B 409 -13.61 -6.32 -24.44
CA ALA B 409 -12.86 -5.69 -25.52
C ALA B 409 -12.32 -6.71 -26.51
N ASP B 410 -11.92 -7.88 -26.01
CA ASP B 410 -11.41 -8.96 -26.85
C ASP B 410 -12.47 -9.48 -27.81
N VAL B 411 -13.68 -9.69 -27.31
CA VAL B 411 -14.80 -10.12 -28.14
C VAL B 411 -15.12 -9.04 -29.18
N CYS B 412 -15.14 -7.79 -28.74
CA CYS B 412 -15.47 -6.67 -29.62
C CYS B 412 -14.40 -6.44 -30.69
N ARG B 413 -13.14 -6.62 -30.31
CA ARG B 413 -12.02 -6.44 -31.23
C ARG B 413 -12.13 -7.38 -32.43
N GLU B 414 -12.64 -8.58 -32.18
CA GLU B 414 -12.83 -9.58 -33.24
C GLU B 414 -13.87 -9.16 -34.27
N ARG B 415 -14.68 -8.17 -33.92
CA ARG B 415 -15.70 -7.67 -34.84
C ARG B 415 -15.42 -6.23 -35.22
N ASN B 416 -14.17 -5.81 -35.02
CA ASN B 416 -13.74 -4.47 -35.34
C ASN B 416 -14.51 -3.40 -34.58
N ILE B 417 -14.85 -3.70 -33.34
CA ILE B 417 -15.54 -2.76 -32.46
C ILE B 417 -14.66 -2.45 -31.26
N LYS B 418 -14.59 -1.17 -30.90
CA LYS B 418 -13.83 -0.74 -29.75
C LYS B 418 -14.72 -0.66 -28.51
N VAL B 419 -14.11 -0.48 -27.35
CA VAL B 419 -14.84 -0.28 -26.11
C VAL B 419 -14.50 1.07 -25.53
N ASP B 420 -15.51 1.81 -25.08
CA ASP B 420 -15.30 3.10 -24.44
C ASP B 420 -14.76 2.86 -23.03
N GLU B 421 -13.44 2.81 -22.92
CA GLU B 421 -12.78 2.56 -21.64
C GLU B 421 -13.02 3.69 -20.64
N ALA B 422 -13.03 4.92 -21.13
CA ALA B 422 -13.30 6.08 -20.29
C ALA B 422 -14.71 5.99 -19.67
N GLY B 423 -15.67 5.55 -20.47
CA GLY B 423 -17.04 5.36 -20.00
C GLY B 423 -17.15 4.26 -18.96
N PHE B 424 -16.45 3.16 -19.19
CA PHE B 424 -16.38 2.06 -18.23
C PHE B 424 -15.84 2.53 -16.89
N GLU B 425 -14.73 3.27 -16.93
CA GLU B 425 -14.10 3.76 -15.71
CA GLU B 425 -14.10 3.79 -15.71
C GLU B 425 -14.99 4.78 -14.99
N ALA B 426 -15.73 5.58 -15.76
CA ALA B 426 -16.67 6.54 -15.18
C ALA B 426 -17.79 5.80 -14.44
N ALA B 427 -18.27 4.72 -15.05
CA ALA B 427 -19.29 3.87 -14.44
C ALA B 427 -18.77 3.20 -13.16
N MET B 428 -17.52 2.75 -13.19
CA MET B 428 -16.92 2.14 -12.01
CA MET B 428 -16.88 2.15 -12.02
C MET B 428 -16.78 3.17 -10.89
N GLU B 429 -16.34 4.37 -11.23
CA GLU B 429 -16.20 5.44 -10.26
C GLU B 429 -17.55 5.88 -9.68
N GLU B 430 -18.57 5.97 -10.53
CA GLU B 430 -19.92 6.28 -10.08
C GLU B 430 -20.37 5.28 -9.02
N GLN B 431 -20.06 4.00 -9.25
CA GLN B 431 -20.43 2.96 -8.30
C GLN B 431 -19.62 3.06 -7.01
N ARG B 432 -18.34 3.39 -7.11
CA ARG B 432 -17.53 3.59 -5.92
C ARG B 432 -18.08 4.73 -5.07
N ARG B 433 -18.54 5.79 -5.74
CA ARG B 433 -19.16 6.92 -5.04
C ARG B 433 -20.42 6.49 -4.29
N ARG B 434 -21.24 5.66 -4.93
CA ARG B 434 -22.44 5.14 -4.28
C ARG B 434 -22.07 4.31 -3.06
N ALA B 435 -21.02 3.50 -3.19
CA ALA B 435 -20.55 2.69 -2.06
C ALA B 435 -20.09 3.56 -0.90
N ARG B 436 -19.33 4.61 -1.19
CA ARG B 436 -18.87 5.53 -0.14
C ARG B 436 -20.04 6.24 0.54
N GLU B 437 -20.99 6.71 -0.27
CA GLU B 437 -22.16 7.41 0.27
CA GLU B 437 -22.17 7.40 0.25
C GLU B 437 -22.95 6.50 1.21
N ALA B 438 -23.15 5.25 0.82
CA ALA B 438 -23.91 4.31 1.65
C ALA B 438 -23.14 3.85 2.89
N SER B 439 -21.83 3.62 2.76
CA SER B 439 -21.03 3.11 3.86
CA SER B 439 -21.03 3.11 3.86
C SER B 439 -20.74 4.17 4.92
N GLY B 440 -20.59 5.42 4.49
CA GLY B 440 -20.35 6.52 5.44
C GLY B 440 -18.88 6.68 5.81
N PHE B 441 -18.64 7.05 7.07
CA PHE B 441 -17.30 7.40 7.55
C PHE B 441 -16.28 6.26 7.42
C G5A C . -8.58 20.48 16.22
N G5A C . -9.92 20.23 14.17
O G5A C . -8.54 19.26 16.29
S G5A C . -7.03 20.74 18.25
N1 G5A C . -5.81 15.13 25.15
C2 G5A C . -6.78 15.90 25.65
N3 G5A C . -7.27 16.92 24.96
C4 G5A C . -6.80 17.20 23.73
C5 G5A C . -5.80 16.42 23.18
C6 G5A C . -5.30 15.36 23.92
N6 G5A C . -4.31 14.55 23.44
N7 G5A C . -5.52 16.92 21.95
C8 G5A C . -6.34 17.98 21.76
N9 G5A C . -7.11 18.15 22.84
CA G5A C . -9.32 21.17 15.09
C1' G5A C . -8.16 19.16 23.08
O1S G5A C . -6.41 21.85 18.90
C2' G5A C . -7.62 20.56 23.30
O2' G5A C . -8.57 21.25 24.12
O2S G5A C . -6.02 19.88 17.68
C3' G5A C . -7.63 21.15 21.92
O3' G5A C . -7.69 22.58 21.91
N3S G5A C . -7.99 21.29 17.09
C4' G5A C . -8.93 20.56 21.39
O4' G5A C . -8.99 19.24 21.93
C5' G5A C . -9.03 20.54 19.88
O5' G5A C . -7.89 19.91 19.34
N1 EPE D . -13.78 42.69 33.95
N1 EPE D . -13.83 42.79 33.87
C2 EPE D . -14.94 43.59 34.03
C2 EPE D . -14.77 43.86 34.20
C3 EPE D . -15.14 43.98 35.49
C3 EPE D . -15.14 43.83 35.67
N4 EPE D . -15.25 42.79 36.31
N4 EPE D . -15.08 42.50 36.28
C5 EPE D . -14.84 41.50 35.77
C5 EPE D . -14.03 41.57 35.91
C6 EPE D . -13.58 41.63 34.94
C6 EPE D . -13.99 41.44 34.39
C7 EPE D . -15.90 42.86 37.61
C7 EPE D . -16.19 42.02 37.06
C8 EPE D . -15.74 41.56 38.39
C8 EPE D . -16.02 42.38 38.54
O8 EPE D . -14.85 41.79 39.46
O8 EPE D . -16.50 43.71 38.72
C9 EPE D . -12.79 42.91 32.90
C9 EPE D . -12.83 43.02 32.81
C10 EPE D . -13.00 41.80 31.87
C10 EPE D . -12.98 41.90 31.80
S EPE D . -11.69 41.92 30.62
S EPE D . -11.65 41.95 30.60
O1S EPE D . -11.83 43.19 29.92
O1S EPE D . -11.72 43.22 29.87
O2S EPE D . -10.40 41.84 31.29
O2S EPE D . -10.38 41.85 31.31
O3S EPE D . -11.82 40.82 29.67
O3S EPE D . -11.78 40.84 29.67
C1 HED E . -30.33 30.16 13.36
O1 HED E . -30.39 29.35 12.22
C2 HED E . -29.51 31.41 13.04
S3 HED E . -28.22 31.68 14.28
S4 HED E . -26.96 33.08 13.48
C5 HED E . -25.60 32.24 12.67
C6 HED E . -24.82 33.19 11.76
O6 HED E . -25.25 33.05 10.43
C1 HED F . -1.98 5.77 6.94
O1 HED F . -0.64 5.48 6.62
C2 HED F . -2.41 4.91 8.12
S3 HED F . -3.97 4.04 7.77
S4 HED F . -3.76 2.19 8.58
C5 HED F . -4.36 1.06 7.30
C6 HED F . -4.38 -0.38 7.80
O6 HED F . -4.22 -1.26 6.70
C G5A G . 15.05 -9.13 -21.18
N G5A G . 16.31 -9.06 -19.06
O G5A G . 14.08 -9.54 -20.55
S G5A G . 13.70 -9.05 -23.36
N1 G5A G . 6.55 -13.98 -25.72
C2 G5A G . 7.53 -14.74 -26.24
N3 G5A G . 8.82 -14.36 -26.14
C4 G5A G . 9.15 -13.21 -25.53
C5 G5A G . 8.16 -12.41 -24.98
C6 G5A G . 6.83 -12.82 -25.10
N6 G5A G . 5.82 -12.08 -24.58
N7 G5A G . 8.78 -11.34 -24.45
C8 G5A G . 10.11 -11.48 -24.64
N9 G5A G . 10.33 -12.61 -25.31
CA G5A G . 16.35 -8.82 -20.49
C1' G5A G . 11.63 -13.19 -25.73
O1S G5A G . 13.98 -8.60 -24.71
C2' G5A G . 12.28 -12.44 -26.89
O2' G5A G . 13.07 -13.41 -27.59
O2S G5A G . 12.67 -8.25 -22.81
C3' G5A G . 13.21 -11.49 -26.17
O3' G5A G . 14.31 -11.06 -26.98
N3S G5A G . 15.04 -8.91 -22.49
C4' G5A G . 13.68 -12.34 -25.01
O4' G5A G . 12.56 -13.15 -24.65
C5' G5A G . 14.19 -11.56 -23.81
O5' G5A G . 13.24 -10.60 -23.42
N1 EPE H . 28.97 -15.98 -45.62
N1 EPE H . 28.89 -15.78 -45.45
C2 EPE H . 27.71 -16.73 -45.79
C2 EPE H . 27.70 -16.62 -45.63
C3 EPE H . 28.03 -18.21 -45.95
C3 EPE H . 28.03 -17.98 -46.24
N4 EPE H . 29.06 -18.42 -46.96
N4 EPE H . 29.27 -18.03 -47.02
C5 EPE H . 30.12 -17.44 -47.16
C5 EPE H . 30.15 -16.88 -47.11
C6 EPE H . 30.27 -16.61 -45.88
C6 EPE H . 30.25 -16.25 -45.73
C7 EPE H . 29.11 -19.67 -47.68
C7 EPE H . 29.80 -19.31 -47.38
C8 EPE H . 27.77 -20.39 -47.58
C8 EPE H . 28.68 -20.32 -47.61
O8 EPE H . 27.07 -20.24 -48.80
O8 EPE H . 29.10 -21.22 -48.61
C9 EPE H . 28.94 -14.58 -45.24
C9 EPE H . 28.72 -14.36 -45.16
C10 EPE H . 28.49 -14.53 -43.80
C10 EPE H . 28.47 -14.30 -43.66
S EPE H . 28.25 -12.80 -43.36
S EPE H . 28.21 -12.58 -43.25
O1S EPE H . 27.22 -12.25 -44.23
O1S EPE H . 27.19 -12.04 -44.15
O2S EPE H . 27.83 -12.71 -41.96
O2S EPE H . 27.76 -12.48 -41.86
O3S EPE H . 29.51 -12.10 -43.55
O3S EPE H . 29.47 -11.87 -43.42
C1 HED I . 36.03 -18.81 -20.37
O1 HED I . 35.72 -19.23 -19.06
C2 HED I . 36.47 -17.35 -20.32
S3 HED I . 35.08 -16.32 -19.81
S4 HED I . 35.75 -14.40 -19.63
C5 HED I . 36.58 -14.26 -18.02
C6 HED I . 36.21 -12.93 -17.36
O6 HED I . 36.60 -12.95 -16.00
C1 HED J . -0.05 -8.25 -3.92
O1 HED J . -0.72 -7.51 -2.92
C2 HED J . 1.10 -7.42 -4.48
S3 HED J . 0.89 -7.10 -6.26
S4 HED J . 2.71 -6.41 -6.87
C5 HED J . 2.37 -5.14 -8.10
C6 HED J . 3.13 -3.86 -7.79
O6 HED J . 2.27 -2.74 -7.96
#